data_8GK2
# 
_entry.id   8GK2 
# 
_audit_conform.dict_name       mmcif_pdbx.dic 
_audit_conform.dict_version    5.396 
_audit_conform.dict_location   http://mmcif.pdb.org/dictionaries/ascii/mmcif_pdbx.dic 
# 
loop_
_database_2.database_id 
_database_2.database_code 
_database_2.pdbx_database_accession 
_database_2.pdbx_DOI 
PDB   8GK2         pdb_00008gk2 10.2210/pdb8gk2/pdb 
WWPDB D_1000273065 ?            ?                   
# 
loop_
_pdbx_audit_revision_history.ordinal 
_pdbx_audit_revision_history.data_content_type 
_pdbx_audit_revision_history.major_revision 
_pdbx_audit_revision_history.minor_revision 
_pdbx_audit_revision_history.revision_date 
1 'Structure model' 1 0 2023-11-15 
2 'Structure model' 2 0 2024-09-25 
# 
_pdbx_audit_revision_details.ordinal             1 
_pdbx_audit_revision_details.revision_ordinal    1 
_pdbx_audit_revision_details.data_content_type   'Structure model' 
_pdbx_audit_revision_details.provider            repository 
_pdbx_audit_revision_details.type                'Initial release' 
_pdbx_audit_revision_details.description         ? 
_pdbx_audit_revision_details.details             ? 
# 
loop_
_pdbx_audit_revision_group.ordinal 
_pdbx_audit_revision_group.revision_ordinal 
_pdbx_audit_revision_group.data_content_type 
_pdbx_audit_revision_group.group 
1 2 'Structure model' Advisory               
2 2 'Structure model' 'Atomic model'         
3 2 'Structure model' 'Data collection'      
4 2 'Structure model' 'Database references'  
5 2 'Structure model' 'Derived calculations' 
6 2 'Structure model' 'Polymer sequence'     
7 2 'Structure model' 'Source and taxonomy'  
8 2 'Structure model' 'Structure summary'    
# 
loop_
_pdbx_audit_revision_category.ordinal 
_pdbx_audit_revision_category.revision_ordinal 
_pdbx_audit_revision_category.data_content_type 
_pdbx_audit_revision_category.category 
1  2 'Structure model' atom_site                    
2  2 'Structure model' atom_site_anisotrop          
3  2 'Structure model' entity                       
4  2 'Structure model' entity_poly                  
5  2 'Structure model' entity_poly_seq              
6  2 'Structure model' pdbx_distant_solvent_atoms   
7  2 'Structure model' pdbx_entity_nonpoly          
8  2 'Structure model' pdbx_entity_src_syn          
9  2 'Structure model' pdbx_nonpoly_scheme          
10 2 'Structure model' pdbx_poly_seq_scheme         
11 2 'Structure model' pdbx_struct_assembly_gen     
12 2 'Structure model' pdbx_struct_conn_angle       
13 2 'Structure model' pdbx_struct_special_symmetry 
14 2 'Structure model' struct_asym                  
15 2 'Structure model' struct_conf                  
16 2 'Structure model' struct_conn                  
17 2 'Structure model' struct_ref_seq               
# 
loop_
_pdbx_audit_revision_item.ordinal 
_pdbx_audit_revision_item.revision_ordinal 
_pdbx_audit_revision_item.data_content_type 
_pdbx_audit_revision_item.item 
1  2 'Structure model' '_atom_site.B_iso_or_equiv'                                   
2  2 'Structure model' '_atom_site.Cartn_x'                                          
3  2 'Structure model' '_atom_site.Cartn_y'                                          
4  2 'Structure model' '_atom_site.Cartn_z'                                          
5  2 'Structure model' '_atom_site.auth_atom_id'                                     
6  2 'Structure model' '_atom_site.auth_comp_id'                                     
7  2 'Structure model' '_atom_site.auth_seq_id'                                      
8  2 'Structure model' '_atom_site.group_PDB'                                        
9  2 'Structure model' '_atom_site.label_asym_id'                                    
10 2 'Structure model' '_atom_site.label_atom_id'                                    
11 2 'Structure model' '_atom_site.label_comp_id'                                    
12 2 'Structure model' '_atom_site.label_entity_id'                                  
13 2 'Structure model' '_atom_site.label_seq_id'                                     
14 2 'Structure model' '_atom_site.occupancy'                                        
15 2 'Structure model' '_atom_site.type_symbol'                                      
16 2 'Structure model' '_atom_site_anisotrop.U[1][1]'                                
17 2 'Structure model' '_atom_site_anisotrop.U[1][2]'                                
18 2 'Structure model' '_atom_site_anisotrop.U[1][3]'                                
19 2 'Structure model' '_atom_site_anisotrop.U[2][2]'                                
20 2 'Structure model' '_atom_site_anisotrop.U[2][3]'                                
21 2 'Structure model' '_atom_site_anisotrop.U[3][3]'                                
22 2 'Structure model' '_atom_site_anisotrop.id'                                     
23 2 'Structure model' '_atom_site_anisotrop.pdbx_auth_atom_id'                      
24 2 'Structure model' '_atom_site_anisotrop.pdbx_auth_comp_id'                      
25 2 'Structure model' '_atom_site_anisotrop.pdbx_auth_seq_id'                       
26 2 'Structure model' '_atom_site_anisotrop.pdbx_label_asym_id'                     
27 2 'Structure model' '_atom_site_anisotrop.pdbx_label_atom_id'                     
28 2 'Structure model' '_atom_site_anisotrop.pdbx_label_comp_id'                     
29 2 'Structure model' '_atom_site_anisotrop.pdbx_label_seq_id'                      
30 2 'Structure model' '_atom_site_anisotrop.type_symbol'                            
31 2 'Structure model' '_entity_poly.pdbx_seq_one_letter_code'                       
32 2 'Structure model' '_entity_poly.pdbx_seq_one_letter_code_can'                   
33 2 'Structure model' '_pdbx_distant_solvent_atoms.auth_seq_id'                     
34 2 'Structure model' '_pdbx_distant_solvent_atoms.neighbor_ligand_distance'        
35 2 'Structure model' '_pdbx_distant_solvent_atoms.neighbor_macromolecule_distance' 
36 2 'Structure model' '_pdbx_entity_src_syn.pdbx_end_seq_num'                       
37 2 'Structure model' '_pdbx_struct_assembly_gen.asym_id_list'                      
38 2 'Structure model' '_pdbx_struct_conn_angle.ptnr1_auth_comp_id'                  
39 2 'Structure model' '_pdbx_struct_conn_angle.ptnr1_auth_seq_id'                   
40 2 'Structure model' '_pdbx_struct_conn_angle.ptnr1_label_asym_id'                 
41 2 'Structure model' '_pdbx_struct_conn_angle.ptnr1_label_atom_id'                 
42 2 'Structure model' '_pdbx_struct_conn_angle.ptnr1_label_comp_id'                 
43 2 'Structure model' '_pdbx_struct_conn_angle.ptnr1_label_seq_id'                  
44 2 'Structure model' '_pdbx_struct_conn_angle.ptnr2_auth_seq_id'                   
45 2 'Structure model' '_pdbx_struct_conn_angle.ptnr2_label_asym_id'                 
46 2 'Structure model' '_pdbx_struct_conn_angle.ptnr2_symmetry'                      
47 2 'Structure model' '_pdbx_struct_conn_angle.ptnr3_auth_comp_id'                  
48 2 'Structure model' '_pdbx_struct_conn_angle.ptnr3_auth_seq_id'                   
49 2 'Structure model' '_pdbx_struct_conn_angle.ptnr3_label_asym_id'                 
50 2 'Structure model' '_pdbx_struct_conn_angle.ptnr3_label_atom_id'                 
51 2 'Structure model' '_pdbx_struct_conn_angle.ptnr3_label_comp_id'                 
52 2 'Structure model' '_pdbx_struct_conn_angle.ptnr3_label_seq_id'                  
53 2 'Structure model' '_pdbx_struct_conn_angle.value'                               
54 2 'Structure model' '_pdbx_struct_special_symmetry.auth_seq_id'                   
55 2 'Structure model' '_pdbx_struct_special_symmetry.label_asym_id'                 
56 2 'Structure model' '_struct_conf.beg_auth_comp_id'                               
57 2 'Structure model' '_struct_conf.beg_auth_seq_id'                                
58 2 'Structure model' '_struct_conf.beg_label_comp_id'                              
59 2 'Structure model' '_struct_conf.beg_label_seq_id'                               
60 2 'Structure model' '_struct_conf.end_label_seq_id'                               
61 2 'Structure model' '_struct_conf.pdbx_PDB_helix_length'                          
62 2 'Structure model' '_struct_conn.pdbx_dist_value'                                
63 2 'Structure model' '_struct_conn.pdbx_leaving_atom_flag'                         
64 2 'Structure model' '_struct_conn.ptnr1_auth_comp_id'                             
65 2 'Structure model' '_struct_conn.ptnr1_auth_seq_id'                              
66 2 'Structure model' '_struct_conn.ptnr1_label_asym_id'                            
67 2 'Structure model' '_struct_conn.ptnr1_label_atom_id'                            
68 2 'Structure model' '_struct_conn.ptnr1_label_comp_id'                            
69 2 'Structure model' '_struct_conn.ptnr1_label_seq_id'                             
70 2 'Structure model' '_struct_conn.ptnr2_auth_comp_id'                             
71 2 'Structure model' '_struct_conn.ptnr2_auth_seq_id'                              
72 2 'Structure model' '_struct_conn.ptnr2_label_asym_id'                            
73 2 'Structure model' '_struct_conn.ptnr2_label_atom_id'                            
74 2 'Structure model' '_struct_conn.ptnr2_label_comp_id'                            
75 2 'Structure model' '_struct_conn.ptnr2_label_seq_id'                             
76 2 'Structure model' '_struct_conn.ptnr2_symmetry'                                 
77 2 'Structure model' '_struct_ref_seq.seq_align_beg'                               
78 2 'Structure model' '_struct_ref_seq.seq_align_end'                               
# 
_pdbx_database_status.status_code                     REL 
_pdbx_database_status.status_code_sf                  REL 
_pdbx_database_status.status_code_mr                  ? 
_pdbx_database_status.entry_id                        8GK2 
_pdbx_database_status.recvd_initial_deposition_date   2023-03-16 
_pdbx_database_status.SG_entry                        N 
_pdbx_database_status.deposit_site                    RCSB 
_pdbx_database_status.process_site                    RCSB 
_pdbx_database_status.status_code_cs                  ? 
_pdbx_database_status.status_code_nmr_data            ? 
_pdbx_database_status.methods_development_category    ? 
_pdbx_database_status.pdb_format_compatible           Y 
# 
_pdbx_contact_author.id                 2 
_pdbx_contact_author.email              andyn@uic.edu 
_pdbx_contact_author.name_first         Andy 
_pdbx_contact_author.name_last          Nguyen 
_pdbx_contact_author.name_mi            I 
_pdbx_contact_author.role               'principal investigator/group leader' 
_pdbx_contact_author.identifier_ORCID   0000-0003-4137-6453 
# 
loop_
_audit_author.name 
_audit_author.pdbx_ordinal 
_audit_author.identifier_ORCID 
'Hess, S.S.'   1 0000-0002-2125-7679 
'Nguyen, A.I.' 2 0000-0003-4137-6453 
# 
_citation.abstract                  ? 
_citation.abstract_id_CAS           ? 
_citation.book_id_ISBN              ? 
_citation.book_publisher            ? 
_citation.book_publisher_city       ? 
_citation.book_title                ? 
_citation.coordinate_linkage        ? 
_citation.country                   US 
_citation.database_id_Medline       ? 
_citation.details                   ? 
_citation.id                        primary 
_citation.journal_abbrev            J.Am.Chem.Soc. 
_citation.journal_id_ASTM           JACSAT 
_citation.journal_id_CSD            ? 
_citation.journal_id_ISSN           1520-5126 
_citation.journal_full              ? 
_citation.journal_issue             ? 
_citation.journal_volume            145 
_citation.language                  ? 
_citation.page_first                19588 
_citation.page_last                 19600 
_citation.title                     'Noncovalent Peptide Assembly Enables Crystalline, Permutable, and Reactive Thiol Frameworks.' 
_citation.year                      2023 
_citation.database_id_CSD           ? 
_citation.pdbx_database_id_DOI      10.1021/jacs.3c03645 
_citation.pdbx_database_id_PubMed   37639365 
_citation.pdbx_database_id_patent   ? 
_citation.unpublished_flag          ? 
# 
loop_
_citation_author.citation_id 
_citation_author.name 
_citation_author.ordinal 
_citation_author.identifier_ORCID 
primary 'Hess, S.S.'   1 ?                   
primary 'Coppola, F.'  2 0000-0002-2429-204X 
primary 'Dang, V.T.'   3 ?                   
primary 'Tran, P.N.'   4 ?                   
primary 'Mickel, P.J.' 5 ?                   
primary 'Oktawiec, J.' 6 0000-0002-2895-3327 
primary 'Ren, Z.'      7 0000-0001-7098-3127 
primary 'Kral, P.'     8 0000-0003-2992-9027 
primary 'Nguyen, A.I.' 9 0000-0003-4137-6453 
# 
loop_
_entity.id 
_entity.type 
_entity.src_method 
_entity.pdbx_description 
_entity.formula_weight 
_entity.pdbx_number_of_molecules 
_entity.pdbx_ec 
_entity.pdbx_mutation 
_entity.pdbx_fragment 
_entity.details 
1 polymer     syn 'bipyridyl-conjugated helical peptide' 1204.401 1 ? ? ? ? 
2 non-polymer syn 'NITRATE ION'                          62.005   1 ? ? ? ? 
3 non-polymer syn 'SILVER ION'                           107.868  4 ? ? ? ? 
4 water       nat water                                  18.015   8 ? ? ? ? 
# 
_entity_poly.entity_id                      1 
_entity_poly.type                           'polypeptide(L)' 
_entity_poly.nstd_linkage                   no 
_entity_poly.nstd_monomer                   yes 
_entity_poly.pdbx_seq_one_letter_code       '(NIO)L(AIB)ASLAC(AIB)L(I77)' 
_entity_poly.pdbx_seq_one_letter_code_can   XLAASLACALX 
_entity_poly.pdbx_strand_id                 A 
_entity_poly.pdbx_target_identifier         ? 
# 
loop_
_pdbx_entity_nonpoly.entity_id 
_pdbx_entity_nonpoly.name 
_pdbx_entity_nonpoly.comp_id 
2 'NITRATE ION' NO3 
3 'SILVER ION'  AG  
4 water         HOH 
# 
loop_
_entity_poly_seq.entity_id 
_entity_poly_seq.num 
_entity_poly_seq.mon_id 
_entity_poly_seq.hetero 
1 1  NIO n 
1 2  LEU n 
1 3  AIB n 
1 4  ALA n 
1 5  SER n 
1 6  LEU n 
1 7  ALA n 
1 8  CYS n 
1 9  AIB n 
1 10 LEU n 
1 11 I77 n 
# 
_pdbx_entity_src_syn.entity_id              1 
_pdbx_entity_src_syn.pdbx_src_id            1 
_pdbx_entity_src_syn.pdbx_alt_source_flag   sample 
_pdbx_entity_src_syn.pdbx_beg_seq_num       1 
_pdbx_entity_src_syn.pdbx_end_seq_num       11 
_pdbx_entity_src_syn.organism_scientific    'synthetic construct' 
_pdbx_entity_src_syn.organism_common_name   ? 
_pdbx_entity_src_syn.ncbi_taxonomy_id       32630 
_pdbx_entity_src_syn.details                ? 
# 
loop_
_chem_comp.id 
_chem_comp.type 
_chem_comp.mon_nstd_flag 
_chem_comp.name 
_chem_comp.pdbx_synonyms 
_chem_comp.formula 
_chem_comp.formula_weight 
AG  non-polymer         . 'SILVER ION'                                            ? 'Ag 1'          107.868 
AIB 'L-peptide linking' n 'ALPHA-AMINOISOBUTYRIC ACID'                            ? 'C4 H9 N O2'    103.120 
ALA 'L-peptide linking' y ALANINE                                                 ? 'C3 H7 N O2'    89.093  
CYS 'L-peptide linking' y CYSTEINE                                                ? 'C3 H7 N O2 S'  121.158 
HOH non-polymer         . WATER                                                   ? 'H2 O'          18.015  
I77 non-polymer         . "5'-(hydrazinecarbonyl)[2,2'-bipyridine]-5-carboxamide" ? 'C12 H11 N5 O2' 257.248 
LEU 'L-peptide linking' y LEUCINE                                                 ? 'C6 H13 N O2'   131.173 
NIO non-polymer         . 'NICOTINIC ACID'                                        ? 'C6 H5 N O2'    123.109 
NO3 non-polymer         . 'NITRATE ION'                                           ? 'N O3 -1'       62.005  
SER 'L-peptide linking' y SERINE                                                  ? 'C3 H7 N O3'    105.093 
# 
loop_
_pdbx_poly_seq_scheme.asym_id 
_pdbx_poly_seq_scheme.entity_id 
_pdbx_poly_seq_scheme.seq_id 
_pdbx_poly_seq_scheme.mon_id 
_pdbx_poly_seq_scheme.ndb_seq_num 
_pdbx_poly_seq_scheme.pdb_seq_num 
_pdbx_poly_seq_scheme.auth_seq_num 
_pdbx_poly_seq_scheme.pdb_mon_id 
_pdbx_poly_seq_scheme.auth_mon_id 
_pdbx_poly_seq_scheme.pdb_strand_id 
_pdbx_poly_seq_scheme.pdb_ins_code 
_pdbx_poly_seq_scheme.hetero 
A 1 1  NIO 1  1  1  NIO NIO A . n 
A 1 2  LEU 2  2  2  LEU LEU A . n 
A 1 3  AIB 3  3  3  AIB AIB A . n 
A 1 4  ALA 4  4  4  ALA ALA A . n 
A 1 5  SER 5  5  5  SER SER A . n 
A 1 6  LEU 6  6  6  LEU LEU A . n 
A 1 7  ALA 7  7  7  ALA ALA A . n 
A 1 8  CYS 8  8  8  CYS CYS A . n 
A 1 9  AIB 9  9  9  AIB AIB A . n 
A 1 10 LEU 10 10 10 LEU LEU A . n 
A 1 11 I77 11 11 11 I77 BPH A . n 
# 
loop_
_pdbx_nonpoly_scheme.asym_id 
_pdbx_nonpoly_scheme.entity_id 
_pdbx_nonpoly_scheme.mon_id 
_pdbx_nonpoly_scheme.ndb_seq_num 
_pdbx_nonpoly_scheme.pdb_seq_num 
_pdbx_nonpoly_scheme.auth_seq_num 
_pdbx_nonpoly_scheme.pdb_mon_id 
_pdbx_nonpoly_scheme.auth_mon_id 
_pdbx_nonpoly_scheme.pdb_strand_id 
_pdbx_nonpoly_scheme.pdb_ins_code 
B 2 NO3 1 201 113 NO3 NO3 A . 
C 3 AG  1 202 1   AG  AG  A . 
D 3 AG  1 203 2   AG  AG  A . 
E 3 AG  1 204 3   AG  AG  A . 
F 3 AG  1 205 4   AG  AG  A . 
G 4 HOH 1 301 3   HOH HOH A . 
G 4 HOH 2 302 2   HOH HOH A . 
G 4 HOH 3 303 1   HOH HOH A . 
G 4 HOH 4 304 4   HOH HOH A . 
G 4 HOH 5 305 5   HOH HOH A . 
G 4 HOH 6 306 6   HOH HOH A . 
G 4 HOH 7 307 8   HOH HOH A . 
G 4 HOH 8 308 7   HOH HOH A . 
# 
loop_
_software.citation_id 
_software.classification 
_software.compiler_name 
_software.compiler_version 
_software.contact_author 
_software.contact_author_email 
_software.date 
_software.description 
_software.dependencies 
_software.hardware 
_software.language 
_software.location 
_software.mods 
_software.name 
_software.os 
_software.os_version 
_software.type 
_software.version 
_software.pdbx_ordinal 
? refinement       ? ? ? ? ? ? ? ? ? ? ? PHENIX ? ? ? 1.19.2_4158 1 
? 'data reduction' ? ? ? ? ? ? ? ? ? ? ? XDS    ? ? ? .           2 
? 'data scaling'   ? ? ? ? ? ? ? ? ? ? ? XDS    ? ? ? .           3 
? phasing          ? ? ? ? ? ? ? ? ? ? ? PHASER ? ? ? .           4 
# 
_cell.angle_alpha                  90.000 
_cell.angle_alpha_esd              ? 
_cell.angle_beta                   90.000 
_cell.angle_beta_esd               ? 
_cell.angle_gamma                  90.000 
_cell.angle_gamma_esd              ? 
_cell.entry_id                     8GK2 
_cell.details                      ? 
_cell.formula_units_Z              ? 
_cell.length_a                     8.449 
_cell.length_a_esd                 ? 
_cell.length_b                     16.716 
_cell.length_b_esd                 ? 
_cell.length_c                     55.087 
_cell.length_c_esd                 ? 
_cell.volume                       7780.129 
_cell.volume_esd                   ? 
_cell.Z_PDB                        4 
_cell.reciprocal_angle_alpha       ? 
_cell.reciprocal_angle_beta        ? 
_cell.reciprocal_angle_gamma       ? 
_cell.reciprocal_angle_alpha_esd   ? 
_cell.reciprocal_angle_beta_esd    ? 
_cell.reciprocal_angle_gamma_esd   ? 
_cell.reciprocal_length_a          ? 
_cell.reciprocal_length_b          ? 
_cell.reciprocal_length_c          ? 
_cell.reciprocal_length_a_esd      ? 
_cell.reciprocal_length_b_esd      ? 
_cell.reciprocal_length_c_esd      ? 
_cell.pdbx_unique_axis             ? 
_cell.pdbx_esd_method              ? 
# 
_symmetry.entry_id                         8GK2 
_symmetry.cell_setting                     ? 
_symmetry.Int_Tables_number                18 
_symmetry.space_group_name_Hall            'P 2 2ab (y,z,x)' 
_symmetry.space_group_name_H-M             'P 21 2 21' 
_symmetry.pdbx_full_space_group_name_H-M   ? 
# 
_exptl.absorpt_coefficient_mu     ? 
_exptl.absorpt_correction_T_max   ? 
_exptl.absorpt_correction_T_min   ? 
_exptl.absorpt_correction_type    ? 
_exptl.absorpt_process_details    ? 
_exptl.entry_id                   8GK2 
_exptl.crystals_number            1 
_exptl.details                    ? 
_exptl.method                     'X-RAY DIFFRACTION' 
_exptl.method_details             ? 
# 
_exptl_crystal.colour                       ? 
_exptl_crystal.density_diffrn               ? 
_exptl_crystal.density_Matthews             2.26 
_exptl_crystal.density_method               ? 
_exptl_crystal.density_percent_sol          45.61 
_exptl_crystal.description                  ? 
_exptl_crystal.F_000                        ? 
_exptl_crystal.id                           1 
_exptl_crystal.preparation                  ? 
_exptl_crystal.size_max                     ? 
_exptl_crystal.size_mid                     ? 
_exptl_crystal.size_min                     ? 
_exptl_crystal.size_rad                     ? 
_exptl_crystal.colour_lustre                ? 
_exptl_crystal.colour_modifier              ? 
_exptl_crystal.colour_primary               ? 
_exptl_crystal.density_meas                 ? 
_exptl_crystal.density_meas_esd             ? 
_exptl_crystal.density_meas_gt              ? 
_exptl_crystal.density_meas_lt              ? 
_exptl_crystal.density_meas_temp            ? 
_exptl_crystal.density_meas_temp_esd        ? 
_exptl_crystal.density_meas_temp_gt         ? 
_exptl_crystal.density_meas_temp_lt         ? 
_exptl_crystal.pdbx_crystal_image_url       ? 
_exptl_crystal.pdbx_crystal_image_format    ? 
_exptl_crystal.pdbx_mosaicity               ? 
_exptl_crystal.pdbx_mosaicity_esd           ? 
_exptl_crystal.pdbx_mosaic_method           ? 
_exptl_crystal.pdbx_mosaic_block_size       ? 
_exptl_crystal.pdbx_mosaic_block_size_esd   ? 
# 
_exptl_crystal_grow.apparatus       ? 
_exptl_crystal_grow.atmosphere      ? 
_exptl_crystal_grow.crystal_id      1 
_exptl_crystal_grow.details         ? 
_exptl_crystal_grow.method          'SLOW COOLING' 
_exptl_crystal_grow.method_ref      ? 
_exptl_crystal_grow.pH              ? 
_exptl_crystal_grow.pressure        ? 
_exptl_crystal_grow.pressure_esd    ? 
_exptl_crystal_grow.seeding         ? 
_exptl_crystal_grow.seeding_ref     ? 
_exptl_crystal_grow.temp_details    ? 
_exptl_crystal_grow.temp_esd        ? 
_exptl_crystal_grow.time            ? 
_exptl_crystal_grow.pdbx_details    Water/Acetontrile 
_exptl_crystal_grow.pdbx_pH_range   ? 
_exptl_crystal_grow.temp            298 
# 
_diffrn.ambient_environment              ? 
_diffrn.ambient_temp                     100 
_diffrn.ambient_temp_details             ? 
_diffrn.ambient_temp_esd                 ? 
_diffrn.crystal_id                       1 
_diffrn.crystal_support                  ? 
_diffrn.crystal_treatment                ? 
_diffrn.details                          ? 
_diffrn.id                               1 
_diffrn.ambient_pressure                 ? 
_diffrn.ambient_pressure_esd             ? 
_diffrn.ambient_pressure_gt              ? 
_diffrn.ambient_pressure_lt              ? 
_diffrn.ambient_temp_gt                  ? 
_diffrn.ambient_temp_lt                  ? 
_diffrn.pdbx_serial_crystal_experiment   N 
# 
_diffrn_detector.details                      ? 
_diffrn_detector.detector                     PIXEL 
_diffrn_detector.diffrn_id                    1 
_diffrn_detector.type                         'DECTRIS EIGER X 9M' 
_diffrn_detector.area_resol_mean              ? 
_diffrn_detector.dtime                        ? 
_diffrn_detector.pdbx_frames_total            ? 
_diffrn_detector.pdbx_collection_time_total   ? 
_diffrn_detector.pdbx_collection_date         2022-12-17 
_diffrn_detector.pdbx_frequency               ? 
_diffrn_detector.id                           ? 
_diffrn_detector.number_of_axes               ? 
# 
_diffrn_radiation.collimation                      ? 
_diffrn_radiation.diffrn_id                        1 
_diffrn_radiation.filter_edge                      ? 
_diffrn_radiation.inhomogeneity                    ? 
_diffrn_radiation.monochromator                    ? 
_diffrn_radiation.polarisn_norm                    ? 
_diffrn_radiation.polarisn_ratio                   ? 
_diffrn_radiation.probe                            ? 
_diffrn_radiation.type                             ? 
_diffrn_radiation.xray_symbol                      ? 
_diffrn_radiation.wavelength_id                    1 
_diffrn_radiation.pdbx_monochromatic_or_laue_m_l   M 
_diffrn_radiation.pdbx_wavelength_list             ? 
_diffrn_radiation.pdbx_wavelength                  ? 
_diffrn_radiation.pdbx_diffrn_protocol             'SINGLE WAVELENGTH' 
_diffrn_radiation.pdbx_analyzer                    ? 
_diffrn_radiation.pdbx_scattering_type             x-ray 
# 
_diffrn_radiation_wavelength.id           1 
_diffrn_radiation_wavelength.wavelength   0.619840 
_diffrn_radiation_wavelength.wt           1.0 
# 
_diffrn_source.current                     ? 
_diffrn_source.details                     ? 
_diffrn_source.diffrn_id                   1 
_diffrn_source.power                       ? 
_diffrn_source.size                        ? 
_diffrn_source.source                      SYNCHROTRON 
_diffrn_source.target                      ? 
_diffrn_source.type                        'APS BEAMLINE 21-ID-D' 
_diffrn_source.voltage                     ? 
_diffrn_source.take-off_angle              ? 
_diffrn_source.pdbx_wavelength_list        0.619840 
_diffrn_source.pdbx_wavelength             ? 
_diffrn_source.pdbx_synchrotron_beamline   21-ID-D 
_diffrn_source.pdbx_synchrotron_site       APS 
# 
_reflns.B_iso_Wilson_estimate                          7.34 
_reflns.entry_id                                       8GK2 
_reflns.data_reduction_details                         ? 
_reflns.data_reduction_method                          ? 
_reflns.d_resolution_high                              0.89 
_reflns.d_resolution_low                               16.72 
_reflns.details                                        ? 
_reflns.limit_h_max                                    ? 
_reflns.limit_h_min                                    ? 
_reflns.limit_k_max                                    ? 
_reflns.limit_k_min                                    ? 
_reflns.limit_l_max                                    ? 
_reflns.limit_l_min                                    ? 
_reflns.number_all                                     ? 
_reflns.number_obs                                     11349 
_reflns.observed_criterion                             ? 
_reflns.observed_criterion_F_max                       ? 
_reflns.observed_criterion_F_min                       ? 
_reflns.observed_criterion_I_max                       ? 
_reflns.observed_criterion_I_min                       ? 
_reflns.observed_criterion_sigma_F                     ? 
_reflns.observed_criterion_sigma_I                     ? 
_reflns.percent_possible_obs                           98.04 
_reflns.R_free_details                                 ? 
_reflns.Rmerge_F_all                                   ? 
_reflns.Rmerge_F_obs                                   ? 
_reflns.Friedel_coverage                               ? 
_reflns.number_gt                                      ? 
_reflns.threshold_expression                           ? 
_reflns.pdbx_redundancy                                11.9 
_reflns.pdbx_netI_over_av_sigmaI                       ? 
_reflns.pdbx_netI_over_sigmaI                          9.29 
_reflns.pdbx_res_netI_over_av_sigmaI_2                 ? 
_reflns.pdbx_res_netI_over_sigmaI_2                    ? 
_reflns.pdbx_chi_squared                               ? 
_reflns.pdbx_scaling_rejects                           ? 
_reflns.pdbx_d_res_high_opt                            ? 
_reflns.pdbx_d_res_low_opt                             ? 
_reflns.pdbx_d_res_opt_method                          ? 
_reflns.phase_calculation_details                      ? 
_reflns.pdbx_Rrim_I_all                                ? 
_reflns.pdbx_Rpim_I_all                                ? 
_reflns.pdbx_d_opt                                     ? 
_reflns.pdbx_number_measured_all                       ? 
_reflns.pdbx_diffrn_id                                 1 
_reflns.pdbx_ordinal                                   1 
_reflns.pdbx_CC_half                                   ? 
_reflns.pdbx_CC_star                                   ? 
_reflns.pdbx_R_split                                   ? 
_reflns.pdbx_Rmerge_I_obs                              0.1723 
_reflns.pdbx_Rmerge_I_all                              ? 
_reflns.pdbx_Rsym_value                                ? 
_reflns.pdbx_CC_split_method                           ? 
_reflns.pdbx_aniso_diffraction_limit_axis_1_ortho[1]   ? 
_reflns.pdbx_aniso_diffraction_limit_axis_1_ortho[2]   ? 
_reflns.pdbx_aniso_diffraction_limit_axis_1_ortho[3]   ? 
_reflns.pdbx_aniso_diffraction_limit_axis_2_ortho[1]   ? 
_reflns.pdbx_aniso_diffraction_limit_axis_2_ortho[2]   ? 
_reflns.pdbx_aniso_diffraction_limit_axis_2_ortho[3]   ? 
_reflns.pdbx_aniso_diffraction_limit_axis_3_ortho[1]   ? 
_reflns.pdbx_aniso_diffraction_limit_axis_3_ortho[2]   ? 
_reflns.pdbx_aniso_diffraction_limit_axis_3_ortho[3]   ? 
_reflns.pdbx_aniso_diffraction_limit_1                 ? 
_reflns.pdbx_aniso_diffraction_limit_2                 ? 
_reflns.pdbx_aniso_diffraction_limit_3                 ? 
_reflns.pdbx_aniso_B_tensor_eigenvector_1_ortho[1]     ? 
_reflns.pdbx_aniso_B_tensor_eigenvector_1_ortho[2]     ? 
_reflns.pdbx_aniso_B_tensor_eigenvector_1_ortho[3]     ? 
_reflns.pdbx_aniso_B_tensor_eigenvector_2_ortho[1]     ? 
_reflns.pdbx_aniso_B_tensor_eigenvector_2_ortho[2]     ? 
_reflns.pdbx_aniso_B_tensor_eigenvector_2_ortho[3]     ? 
_reflns.pdbx_aniso_B_tensor_eigenvector_3_ortho[1]     ? 
_reflns.pdbx_aniso_B_tensor_eigenvector_3_ortho[2]     ? 
_reflns.pdbx_aniso_B_tensor_eigenvector_3_ortho[3]     ? 
_reflns.pdbx_aniso_B_tensor_eigenvalue_1               ? 
_reflns.pdbx_aniso_B_tensor_eigenvalue_2               ? 
_reflns.pdbx_aniso_B_tensor_eigenvalue_3               ? 
_reflns.pdbx_orthogonalization_convention              ? 
_reflns.pdbx_percent_possible_ellipsoidal              ? 
_reflns.pdbx_percent_possible_spherical                ? 
_reflns.pdbx_percent_possible_ellipsoidal_anomalous    ? 
_reflns.pdbx_percent_possible_spherical_anomalous      ? 
_reflns.pdbx_redundancy_anomalous                      ? 
_reflns.pdbx_CC_half_anomalous                         ? 
_reflns.pdbx_absDiff_over_sigma_anomalous              ? 
_reflns.pdbx_percent_possible_anomalous                ? 
_reflns.pdbx_observed_signal_threshold                 ? 
_reflns.pdbx_signal_type                               ? 
_reflns.pdbx_signal_details                            ? 
_reflns.pdbx_signal_software_id                        ? 
# 
_reflns_shell.d_res_high                                    0.89 
_reflns_shell.d_res_low                                     0.9218 
_reflns_shell.meanI_over_sigI_all                           ? 
_reflns_shell.meanI_over_sigI_obs                           ? 
_reflns_shell.number_measured_all                           ? 
_reflns_shell.number_measured_obs                           ? 
_reflns_shell.number_possible                               ? 
_reflns_shell.number_unique_all                             ? 
_reflns_shell.number_unique_obs                             574 
_reflns_shell.percent_possible_obs                          ? 
_reflns_shell.Rmerge_F_all                                  ? 
_reflns_shell.Rmerge_F_obs                                  ? 
_reflns_shell.meanI_over_sigI_gt                            ? 
_reflns_shell.meanI_over_uI_all                             ? 
_reflns_shell.meanI_over_uI_gt                              ? 
_reflns_shell.number_measured_gt                            ? 
_reflns_shell.number_unique_gt                              ? 
_reflns_shell.percent_possible_gt                           ? 
_reflns_shell.Rmerge_F_gt                                   ? 
_reflns_shell.Rmerge_I_gt                                   ? 
_reflns_shell.pdbx_redundancy                               ? 
_reflns_shell.pdbx_chi_squared                              ? 
_reflns_shell.pdbx_netI_over_sigmaI_all                     ? 
_reflns_shell.pdbx_netI_over_sigmaI_obs                     ? 
_reflns_shell.pdbx_Rrim_I_all                               ? 
_reflns_shell.pdbx_Rpim_I_all                               ? 
_reflns_shell.pdbx_rejects                                  ? 
_reflns_shell.pdbx_ordinal                                  1 
_reflns_shell.pdbx_diffrn_id                                1 
_reflns_shell.pdbx_CC_half                                  ? 
_reflns_shell.pdbx_CC_star                                  ? 
_reflns_shell.pdbx_R_split                                  ? 
_reflns_shell.percent_possible_all                          ? 
_reflns_shell.Rmerge_I_all                                  ? 
_reflns_shell.Rmerge_I_obs                                  0.8058 
_reflns_shell.pdbx_Rsym_value                               ? 
_reflns_shell.pdbx_percent_possible_ellipsoidal             ? 
_reflns_shell.pdbx_percent_possible_spherical               ? 
_reflns_shell.pdbx_percent_possible_ellipsoidal_anomalous   ? 
_reflns_shell.pdbx_percent_possible_spherical_anomalous     ? 
_reflns_shell.pdbx_redundancy_anomalous                     ? 
_reflns_shell.pdbx_CC_half_anomalous                        ? 
_reflns_shell.pdbx_absDiff_over_sigma_anomalous             ? 
_reflns_shell.pdbx_percent_possible_anomalous               ? 
# 
_refine.aniso_B[1][1]                            ? 
_refine.aniso_B[1][2]                            ? 
_refine.aniso_B[1][3]                            ? 
_refine.aniso_B[2][2]                            ? 
_refine.aniso_B[2][3]                            ? 
_refine.aniso_B[3][3]                            ? 
_refine.B_iso_max                                ? 
_refine.B_iso_mean                               7.33 
_refine.B_iso_min                                ? 
_refine.correlation_coeff_Fo_to_Fc               ? 
_refine.correlation_coeff_Fo_to_Fc_free          ? 
_refine.details                                  ? 
_refine.diff_density_max                         ? 
_refine.diff_density_max_esd                     ? 
_refine.diff_density_min                         ? 
_refine.diff_density_min_esd                     ? 
_refine.diff_density_rms                         ? 
_refine.diff_density_rms_esd                     ? 
_refine.entry_id                                 8GK2 
_refine.pdbx_refine_id                           'X-RAY DIFFRACTION' 
_refine.ls_abs_structure_details                 ? 
_refine.ls_abs_structure_Flack                   ? 
_refine.ls_abs_structure_Flack_esd               ? 
_refine.ls_abs_structure_Rogers                  ? 
_refine.ls_abs_structure_Rogers_esd              ? 
_refine.ls_d_res_high                            0.89 
_refine.ls_d_res_low                             16.72 
_refine.ls_extinction_coef                       ? 
_refine.ls_extinction_coef_esd                   ? 
_refine.ls_extinction_expression                 ? 
_refine.ls_extinction_method                     ? 
_refine.ls_goodness_of_fit_all                   ? 
_refine.ls_goodness_of_fit_all_esd               ? 
_refine.ls_goodness_of_fit_obs                   ? 
_refine.ls_goodness_of_fit_obs_esd               ? 
_refine.ls_hydrogen_treatment                    ? 
_refine.ls_matrix_type                           ? 
_refine.ls_number_constraints                    ? 
_refine.ls_number_parameters                     ? 
_refine.ls_number_reflns_all                     ? 
_refine.ls_number_reflns_obs                     11349 
_refine.ls_number_reflns_R_free                  1143 
_refine.ls_number_reflns_R_work                  10206 
_refine.ls_number_restraints                     ? 
_refine.ls_percent_reflns_obs                    98.14 
_refine.ls_percent_reflns_R_free                 10.07 
_refine.ls_R_factor_all                          ? 
_refine.ls_R_factor_obs                          0.1750 
_refine.ls_R_factor_R_free                       0.2000 
_refine.ls_R_factor_R_free_error                 ? 
_refine.ls_R_factor_R_free_error_details         ? 
_refine.ls_R_factor_R_work                       0.1719 
_refine.ls_R_Fsqd_factor_obs                     ? 
_refine.ls_R_I_factor_obs                        ? 
_refine.ls_redundancy_reflns_all                 ? 
_refine.ls_redundancy_reflns_obs                 ? 
_refine.ls_restrained_S_all                      ? 
_refine.ls_restrained_S_obs                      ? 
_refine.ls_shift_over_esd_max                    ? 
_refine.ls_shift_over_esd_mean                   ? 
_refine.ls_structure_factor_coef                 ? 
_refine.ls_weighting_details                     ? 
_refine.ls_weighting_scheme                      ? 
_refine.ls_wR_factor_all                         ? 
_refine.ls_wR_factor_obs                         ? 
_refine.ls_wR_factor_R_free                      ? 
_refine.ls_wR_factor_R_work                      ? 
_refine.occupancy_max                            ? 
_refine.occupancy_min                            ? 
_refine.solvent_model_details                    'FLAT BULK SOLVENT MODEL' 
_refine.solvent_model_param_bsol                 ? 
_refine.solvent_model_param_ksol                 ? 
_refine.pdbx_R_complete                          ? 
_refine.ls_R_factor_gt                           ? 
_refine.ls_goodness_of_fit_gt                    ? 
_refine.ls_goodness_of_fit_ref                   ? 
_refine.ls_shift_over_su_max                     ? 
_refine.ls_shift_over_su_max_lt                  ? 
_refine.ls_shift_over_su_mean                    ? 
_refine.ls_shift_over_su_mean_lt                 ? 
_refine.pdbx_ls_sigma_I                          ? 
_refine.pdbx_ls_sigma_F                          1.37 
_refine.pdbx_ls_sigma_Fsqd                       ? 
_refine.pdbx_data_cutoff_high_absF               ? 
_refine.pdbx_data_cutoff_high_rms_absF           ? 
_refine.pdbx_data_cutoff_low_absF                ? 
_refine.pdbx_isotropic_thermal_model             ? 
_refine.pdbx_ls_cross_valid_method               'FREE R-VALUE' 
_refine.pdbx_method_to_determine_struct          'MOLECULAR REPLACEMENT' 
_refine.pdbx_starting_model                      ? 
_refine.pdbx_stereochemistry_target_values       'GeoStd + Monomer Library + CDL v1.2' 
_refine.pdbx_R_Free_selection_details            ? 
_refine.pdbx_stereochem_target_val_spec_case     ? 
_refine.pdbx_overall_ESU_R                       ? 
_refine.pdbx_overall_ESU_R_Free                  ? 
_refine.pdbx_solvent_vdw_probe_radii             1.1100 
_refine.pdbx_solvent_ion_probe_radii             ? 
_refine.pdbx_solvent_shrinkage_radii             0.9000 
_refine.pdbx_real_space_R                        ? 
_refine.pdbx_density_correlation                 ? 
_refine.pdbx_pd_number_of_powder_patterns        ? 
_refine.pdbx_pd_number_of_points                 ? 
_refine.pdbx_pd_meas_number_of_points            ? 
_refine.pdbx_pd_proc_ls_prof_R_factor            ? 
_refine.pdbx_pd_proc_ls_prof_wR_factor           ? 
_refine.pdbx_pd_Marquardt_correlation_coeff      ? 
_refine.pdbx_pd_Fsqrd_R_factor                   ? 
_refine.pdbx_pd_ls_matrix_band_width             ? 
_refine.pdbx_overall_phase_error                 25.4988 
_refine.pdbx_overall_SU_R_free_Cruickshank_DPI   ? 
_refine.pdbx_overall_SU_R_free_Blow_DPI          ? 
_refine.pdbx_overall_SU_R_Blow_DPI               ? 
_refine.pdbx_TLS_residual_ADP_flag               ? 
_refine.pdbx_diffrn_id                           1 
_refine.overall_SU_B                             ? 
_refine.overall_SU_ML                            0.0637 
_refine.overall_SU_R_Cruickshank_DPI             ? 
_refine.overall_SU_R_free                        ? 
_refine.overall_FOM_free_R_set                   ? 
_refine.overall_FOM_work_R_set                   ? 
_refine.pdbx_average_fsc_overall                 ? 
_refine.pdbx_average_fsc_work                    ? 
_refine.pdbx_average_fsc_free                    ? 
# 
_refine_hist.pdbx_refine_id                   'X-RAY DIFFRACTION' 
_refine_hist.cycle_id                         LAST 
_refine_hist.details                          ? 
_refine_hist.d_res_high                       0.89 
_refine_hist.d_res_low                        16.72 
_refine_hist.number_atoms_solvent             8 
_refine_hist.number_atoms_total               101 
_refine_hist.number_reflns_all                ? 
_refine_hist.number_reflns_obs                ? 
_refine_hist.number_reflns_R_free             ? 
_refine_hist.number_reflns_R_work             ? 
_refine_hist.R_factor_all                     ? 
_refine_hist.R_factor_obs                     ? 
_refine_hist.R_factor_R_free                  ? 
_refine_hist.R_factor_R_work                  ? 
_refine_hist.pdbx_number_residues_total       ? 
_refine_hist.pdbx_B_iso_mean_ligand           ? 
_refine_hist.pdbx_B_iso_mean_solvent          ? 
_refine_hist.pdbx_number_atoms_protein        58 
_refine_hist.pdbx_number_atoms_nucleic_acid   0 
_refine_hist.pdbx_number_atoms_ligand         35 
_refine_hist.pdbx_number_atoms_lipid          ? 
_refine_hist.pdbx_number_atoms_carb           ? 
_refine_hist.pdbx_pseudo_atom_details         ? 
# 
loop_
_refine_ls_restr.pdbx_refine_id 
_refine_ls_restr.criterion 
_refine_ls_restr.dev_ideal 
_refine_ls_restr.dev_ideal_target 
_refine_ls_restr.number 
_refine_ls_restr.rejects 
_refine_ls_restr.type 
_refine_ls_restr.weight 
_refine_ls_restr.pdbx_restraint_function 
'X-RAY DIFFRACTION' ? 0.0143  ? 108 ? f_bond_d           ? ? 
'X-RAY DIFFRACTION' ? 1.9668  ? 146 ? f_angle_d          ? ? 
'X-RAY DIFFRACTION' ? 0.0608  ? 10  ? f_chiral_restr     ? ? 
'X-RAY DIFFRACTION' ? 0.0087  ? 18  ? f_plane_restr      ? ? 
'X-RAY DIFFRACTION' ? 31.2419 ? 16  ? f_dihedral_angle_d ? ? 
# 
loop_
_refine_ls_shell.pdbx_refine_id 
_refine_ls_shell.d_res_high 
_refine_ls_shell.d_res_low 
_refine_ls_shell.number_reflns_all 
_refine_ls_shell.number_reflns_obs 
_refine_ls_shell.number_reflns_R_free 
_refine_ls_shell.number_reflns_R_work 
_refine_ls_shell.percent_reflns_obs 
_refine_ls_shell.percent_reflns_R_free 
_refine_ls_shell.R_factor_all 
_refine_ls_shell.R_factor_obs 
_refine_ls_shell.R_factor_R_free_error 
_refine_ls_shell.R_factor_R_work 
_refine_ls_shell.redundancy_reflns_all 
_refine_ls_shell.redundancy_reflns_obs 
_refine_ls_shell.wR_factor_all 
_refine_ls_shell.wR_factor_obs 
_refine_ls_shell.wR_factor_R_free 
_refine_ls_shell.wR_factor_R_work 
_refine_ls_shell.pdbx_R_complete 
_refine_ls_shell.pdbx_total_number_of_bins_used 
_refine_ls_shell.pdbx_phase_error 
_refine_ls_shell.pdbx_fsc_work 
_refine_ls_shell.pdbx_fsc_free 
_refine_ls_shell.R_factor_R_free 
'X-RAY DIFFRACTION' 0.89 0.93  . . 135 1213 91.08 . . . . 0.2395 . . . . . . . . . . . 0.2300 
'X-RAY DIFFRACTION' 0.93 0.98  . . 135 1234 97.16 . . . . 0.1958 . . . . . . . . . . . 0.2370 
'X-RAY DIFFRACTION' 0.98 1.04  . . 147 1314 99.32 . . . . 0.1990 . . . . . . . . . . . 0.2179 
'X-RAY DIFFRACTION' 1.04 1.12  . . 138 1268 99.50 . . . . 0.1837 . . . . . . . . . . . 0.2128 
'X-RAY DIFFRACTION' 1.12 1.23  . . 151 1302 99.52 . . . . 0.1669 . . . . . . . . . . . 0.1933 
'X-RAY DIFFRACTION' 1.23 1.41  . . 142 1308 99.79 . . . . 0.1634 . . . . . . . . . . . 0.1850 
'X-RAY DIFFRACTION' 1.41 1.78  . . 141 1276 99.86 . . . . 0.1723 . . . . . . . . . . . 0.2068 
'X-RAY DIFFRACTION' 1.78 16.72 . . 154 1291 99.04 . . . . 0.1594 . . . . . . . . . . . 0.1910 
# 
_struct.entry_id                     8GK2 
_struct.title                        'Porous framework formed by assembly of a bipyridyl-conjugated helical peptide' 
_struct.pdbx_model_details           ? 
_struct.pdbx_formula_weight          ? 
_struct.pdbx_formula_weight_method   ? 
_struct.pdbx_model_type_details      ? 
_struct.pdbx_CASP_flag               N 
# 
_struct_keywords.entry_id        8GK2 
_struct_keywords.text            'DE NOVO PROTEIN' 
_struct_keywords.pdbx_keywords   'DE NOVO PROTEIN' 
# 
loop_
_struct_asym.id 
_struct_asym.pdbx_blank_PDB_chainid_flag 
_struct_asym.pdbx_modified 
_struct_asym.entity_id 
_struct_asym.details 
A N N 1 ? 
B N N 2 ? 
C N N 3 ? 
D N N 3 ? 
E N N 3 ? 
F N N 3 ? 
G N N 4 ? 
# 
_struct_ref.id                         1 
_struct_ref.db_name                    PDB 
_struct_ref.db_code                    8GK2 
_struct_ref.pdbx_db_accession          8GK2 
_struct_ref.pdbx_db_isoform            ? 
_struct_ref.entity_id                  1 
_struct_ref.pdbx_seq_one_letter_code   ? 
_struct_ref.pdbx_align_begin           1 
# 
_struct_ref_seq.align_id                      1 
_struct_ref_seq.ref_id                        1 
_struct_ref_seq.pdbx_PDB_id_code              8GK2 
_struct_ref_seq.pdbx_strand_id                A 
_struct_ref_seq.seq_align_beg                 2 
_struct_ref_seq.pdbx_seq_align_beg_ins_code   ? 
_struct_ref_seq.seq_align_end                 10 
_struct_ref_seq.pdbx_seq_align_end_ins_code   ? 
_struct_ref_seq.pdbx_db_accession             8GK2 
_struct_ref_seq.db_align_beg                  2 
_struct_ref_seq.pdbx_db_align_beg_ins_code    ? 
_struct_ref_seq.db_align_end                  10 
_struct_ref_seq.pdbx_db_align_end_ins_code    ? 
_struct_ref_seq.pdbx_auth_seq_align_beg       2 
_struct_ref_seq.pdbx_auth_seq_align_end       10 
# 
_pdbx_struct_assembly.id                   1 
_pdbx_struct_assembly.details              author_defined_assembly 
_pdbx_struct_assembly.method_details       ? 
_pdbx_struct_assembly.oligomeric_details   monomeric 
_pdbx_struct_assembly.oligomeric_count     1 
# 
_pdbx_struct_assembly_gen.assembly_id       1 
_pdbx_struct_assembly_gen.oper_expression   1 
_pdbx_struct_assembly_gen.asym_id_list      A,B,C,D,E,F,G 
# 
_pdbx_struct_assembly_auth_evidence.id                     1 
_pdbx_struct_assembly_auth_evidence.assembly_id            1 
_pdbx_struct_assembly_auth_evidence.experimental_support   none 
_pdbx_struct_assembly_auth_evidence.details                ? 
# 
_pdbx_struct_oper_list.id                   1 
_pdbx_struct_oper_list.type                 'identity operation' 
_pdbx_struct_oper_list.name                 1_555 
_pdbx_struct_oper_list.symmetry_operation   x,y,z 
_pdbx_struct_oper_list.matrix[1][1]         1.0000000000 
_pdbx_struct_oper_list.matrix[1][2]         0.0000000000 
_pdbx_struct_oper_list.matrix[1][3]         0.0000000000 
_pdbx_struct_oper_list.vector[1]            0.0000000000 
_pdbx_struct_oper_list.matrix[2][1]         0.0000000000 
_pdbx_struct_oper_list.matrix[2][2]         1.0000000000 
_pdbx_struct_oper_list.matrix[2][3]         0.0000000000 
_pdbx_struct_oper_list.vector[2]            0.0000000000 
_pdbx_struct_oper_list.matrix[3][1]         0.0000000000 
_pdbx_struct_oper_list.matrix[3][2]         0.0000000000 
_pdbx_struct_oper_list.matrix[3][3]         1.0000000000 
_pdbx_struct_oper_list.vector[3]            0.0000000000 
# 
_struct_conf.conf_type_id            HELX_P 
_struct_conf.id                      HELX_P1 
_struct_conf.pdbx_PDB_helix_id       AA1 
_struct_conf.beg_label_comp_id       AIB 
_struct_conf.beg_label_asym_id       A 
_struct_conf.beg_label_seq_id        3 
_struct_conf.pdbx_beg_PDB_ins_code   ? 
_struct_conf.end_label_comp_id       LEU 
_struct_conf.end_label_asym_id       A 
_struct_conf.end_label_seq_id        10 
_struct_conf.pdbx_end_PDB_ins_code   ? 
_struct_conf.beg_auth_comp_id        AIB 
_struct_conf.beg_auth_asym_id        A 
_struct_conf.beg_auth_seq_id         3 
_struct_conf.end_auth_comp_id        LEU 
_struct_conf.end_auth_asym_id        A 
_struct_conf.end_auth_seq_id         10 
_struct_conf.pdbx_PDB_helix_class    1 
_struct_conf.details                 ? 
_struct_conf.pdbx_PDB_helix_length   8 
# 
_struct_conf_type.id          HELX_P 
_struct_conf_type.criteria    ? 
_struct_conf_type.reference   ? 
# 
loop_
_struct_conn.id 
_struct_conn.conn_type_id 
_struct_conn.pdbx_leaving_atom_flag 
_struct_conn.pdbx_PDB_id 
_struct_conn.ptnr1_label_asym_id 
_struct_conn.ptnr1_label_comp_id 
_struct_conn.ptnr1_label_seq_id 
_struct_conn.ptnr1_label_atom_id 
_struct_conn.pdbx_ptnr1_label_alt_id 
_struct_conn.pdbx_ptnr1_PDB_ins_code 
_struct_conn.pdbx_ptnr1_standard_comp_id 
_struct_conn.ptnr1_symmetry 
_struct_conn.ptnr2_label_asym_id 
_struct_conn.ptnr2_label_comp_id 
_struct_conn.ptnr2_label_seq_id 
_struct_conn.ptnr2_label_atom_id 
_struct_conn.pdbx_ptnr2_label_alt_id 
_struct_conn.pdbx_ptnr2_PDB_ins_code 
_struct_conn.ptnr1_auth_asym_id 
_struct_conn.ptnr1_auth_comp_id 
_struct_conn.ptnr1_auth_seq_id 
_struct_conn.ptnr2_auth_asym_id 
_struct_conn.ptnr2_auth_comp_id 
_struct_conn.ptnr2_auth_seq_id 
_struct_conn.ptnr2_symmetry 
_struct_conn.pdbx_ptnr3_label_atom_id 
_struct_conn.pdbx_ptnr3_label_seq_id 
_struct_conn.pdbx_ptnr3_label_comp_id 
_struct_conn.pdbx_ptnr3_label_asym_id 
_struct_conn.pdbx_ptnr3_label_alt_id 
_struct_conn.pdbx_ptnr3_PDB_ins_code 
_struct_conn.details 
_struct_conn.pdbx_dist_value 
_struct_conn.pdbx_value_order 
_struct_conn.pdbx_role 
covale1  covale one  ? A NIO 1  C6  ? ? ? 1_555 A LEU 2  N   ? ? A NIO 1   A LEU 2   1_555 ? ? ? ? ? ? ? 1.426 ? ? 
covale2  covale both ? A LEU 2  C   ? ? ? 1_555 A AIB 3  N   ? ? A LEU 2   A AIB 3   1_555 ? ? ? ? ? ? ? 1.342 ? ? 
covale3  covale both ? A AIB 3  C   ? ? ? 1_555 A ALA 4  N   ? ? A AIB 3   A ALA 4   1_555 ? ? ? ? ? ? ? 1.329 ? ? 
covale4  covale both ? A CYS 8  C   ? ? ? 1_555 A AIB 9  N   ? ? A CYS 8   A AIB 9   1_555 ? ? ? ? ? ? ? 1.330 ? ? 
covale5  covale both ? A AIB 9  C   ? ? ? 1_555 A LEU 10 N   ? ? A AIB 9   A LEU 10  1_555 ? ? ? ? ? ? ? 1.344 ? ? 
covale6  covale one  ? A LEU 10 C   ? ? ? 1_555 A I77 11 N15 A ? A LEU 10  A I77 11  1_555 ? ? ? ? ? ? ? 1.428 ? ? 
covale7  covale one  ? A LEU 10 C   ? ? ? 1_555 A I77 11 N15 B ? A LEU 10  A I77 11  1_555 ? ? ? ? ? ? ? 1.425 ? ? 
metalc1  metalc ?    ? A NIO 1  N   ? ? ? 1_555 C AG  .  AG  ? ? A NIO 1   A AG  202 1_545 ? ? ? ? ? ? ? 2.203 ? ? 
metalc2  metalc ?    ? A CYS 8  O   ? ? ? 1_555 C AG  .  AG  ? ? A CYS 8   A AG  202 1_555 ? ? ? ? ? ? ? 2.680 ? ? 
metalc3  metalc ?    ? A CYS 8  SG  ? ? ? 1_555 C AG  .  AG  ? ? A CYS 8   A AG  202 1_555 ? ? ? ? ? ? ? 2.391 ? ? 
metalc4  metalc ?    ? A CYS 8  SG  ? ? ? 1_555 D AG  .  AG  ? ? A CYS 8   A AG  203 1_555 ? ? ? ? ? ? ? 2.415 ? ? 
metalc5  metalc ?    ? A CYS 8  SG  ? ? ? 1_555 E AG  .  AG  ? ? A CYS 8   A AG  204 1_555 ? ? ? ? ? ? ? 2.344 ? ? 
metalc6  metalc ?    ? A I77 11 N07 A ? ? 1_555 F AG  .  AG  A ? A I77 11  A AG  205 1_555 ? ? ? ? ? ? ? 2.551 ? ? 
metalc7  metalc ?    ? A I77 11 N07 B ? ? 1_555 F AG  .  AG  B ? A I77 11  A AG  205 1_555 ? ? ? ? ? ? ? 2.310 ? ? 
metalc8  metalc ?    ? A I77 11 N10 A ? ? 1_555 F AG  .  AG  A ? A I77 11  A AG  205 1_555 ? ? ? ? ? ? ? 2.397 ? ? 
metalc9  metalc ?    ? A I77 11 N10 B ? ? 1_555 F AG  .  AG  B ? A I77 11  A AG  205 1_555 ? ? ? ? ? ? ? 2.310 ? ? 
metalc10 metalc ?    ? B NO3 .  O3  ? ? ? 1_555 F AG  .  AG  A ? A NO3 201 A AG  205 1_445 ? ? ? ? ? ? ? 2.510 ? ? 
metalc11 metalc ?    ? C AG  .  AG  ? ? ? 1_555 G HOH .  O   ? ? A AG  202 A HOH 303 1_555 ? ? ? ? ? ? ? 2.517 ? ? 
metalc12 metalc ?    ? F AG  .  AG  B ? ? 1_555 G HOH .  O   ? ? A AG  205 A HOH 302 1_665 ? ? ? ? ? ? ? 2.294 ? ? 
metalc13 metalc ?    ? F AG  .  AG  B ? ? 1_555 G HOH .  O   ? ? A AG  205 A HOH 304 1_665 ? ? ? ? ? ? ? 2.452 ? ? 
metalc14 metalc ?    ? F AG  .  AG  A ? ? 1_555 G HOH .  O   ? ? A AG  205 A HOH 308 2_475 ? ? ? ? ? ? ? 2.414 ? ? 
# 
loop_
_struct_conn_type.id 
_struct_conn_type.criteria 
_struct_conn_type.reference 
covale ? ? 
metalc ? ? 
# 
loop_
_pdbx_struct_conn_angle.id 
_pdbx_struct_conn_angle.ptnr1_label_atom_id 
_pdbx_struct_conn_angle.ptnr1_label_alt_id 
_pdbx_struct_conn_angle.ptnr1_label_asym_id 
_pdbx_struct_conn_angle.ptnr1_label_comp_id 
_pdbx_struct_conn_angle.ptnr1_label_seq_id 
_pdbx_struct_conn_angle.ptnr1_auth_atom_id 
_pdbx_struct_conn_angle.ptnr1_auth_asym_id 
_pdbx_struct_conn_angle.ptnr1_auth_comp_id 
_pdbx_struct_conn_angle.ptnr1_auth_seq_id 
_pdbx_struct_conn_angle.ptnr1_PDB_ins_code 
_pdbx_struct_conn_angle.ptnr1_symmetry 
_pdbx_struct_conn_angle.ptnr2_label_atom_id 
_pdbx_struct_conn_angle.ptnr2_label_alt_id 
_pdbx_struct_conn_angle.ptnr2_label_asym_id 
_pdbx_struct_conn_angle.ptnr2_label_comp_id 
_pdbx_struct_conn_angle.ptnr2_label_seq_id 
_pdbx_struct_conn_angle.ptnr2_auth_atom_id 
_pdbx_struct_conn_angle.ptnr2_auth_asym_id 
_pdbx_struct_conn_angle.ptnr2_auth_comp_id 
_pdbx_struct_conn_angle.ptnr2_auth_seq_id 
_pdbx_struct_conn_angle.ptnr2_PDB_ins_code 
_pdbx_struct_conn_angle.ptnr2_symmetry 
_pdbx_struct_conn_angle.ptnr3_label_atom_id 
_pdbx_struct_conn_angle.ptnr3_label_alt_id 
_pdbx_struct_conn_angle.ptnr3_label_asym_id 
_pdbx_struct_conn_angle.ptnr3_label_comp_id 
_pdbx_struct_conn_angle.ptnr3_label_seq_id 
_pdbx_struct_conn_angle.ptnr3_auth_atom_id 
_pdbx_struct_conn_angle.ptnr3_auth_asym_id 
_pdbx_struct_conn_angle.ptnr3_auth_comp_id 
_pdbx_struct_conn_angle.ptnr3_auth_seq_id 
_pdbx_struct_conn_angle.ptnr3_PDB_ins_code 
_pdbx_struct_conn_angle.ptnr3_symmetry 
_pdbx_struct_conn_angle.value 
_pdbx_struct_conn_angle.value_esd 
1  N   ? A NIO 1  ? A NIO 1   ? 1_555 AG ? C AG . ? A AG 202 ? 1_545 O   ? A CYS 8  ? A CYS 8   ? 1_555 2.8   ? 
2  N   ? A NIO 1  ? A NIO 1   ? 1_555 AG ? C AG . ? A AG 202 ? 1_545 SG  ? A CYS 8  ? A CYS 8   ? 1_555 11.6  ? 
3  O   ? A CYS 8  ? A CYS 8   ? 1_555 AG ? C AG . ? A AG 202 ? 1_545 SG  ? A CYS 8  ? A CYS 8   ? 1_555 9.4   ? 
4  N   ? A NIO 1  ? A NIO 1   ? 1_555 AG ? C AG . ? A AG 202 ? 1_545 O   ? G HOH .  ? A HOH 303 ? 1_555 19.3  ? 
5  O   ? A CYS 8  ? A CYS 8   ? 1_555 AG ? C AG . ? A AG 202 ? 1_545 O   ? G HOH .  ? A HOH 303 ? 1_555 16.6  ? 
6  SG  ? A CYS 8  ? A CYS 8   ? 1_555 AG ? C AG . ? A AG 202 ? 1_545 O   ? G HOH .  ? A HOH 303 ? 1_555 10.1  ? 
7  N07 A A I77 11 ? A I77 11  ? 1_555 AG A F AG . ? A AG 205 ? 1_555 N10 A A I77 11 ? A I77 11  ? 1_555 64.3  ? 
8  N07 A A I77 11 ? A I77 11  ? 1_555 AG A F AG . ? A AG 205 ? 1_555 O3  ? B NO3 .  ? A NO3 201 ? 1_555 67.6  ? 
9  N10 A A I77 11 ? A I77 11  ? 1_555 AG A F AG . ? A AG 205 ? 1_555 O3  ? B NO3 .  ? A NO3 201 ? 1_555 16.7  ? 
10 N07 A A I77 11 ? A I77 11  ? 1_555 AG A F AG . ? A AG 205 ? 1_555 O   ? G HOH .  ? A HOH 308 ? 2_475 116.5 ? 
11 N10 A A I77 11 ? A I77 11  ? 1_555 AG A F AG . ? A AG 205 ? 1_555 O   ? G HOH .  ? A HOH 308 ? 2_475 152.4 ? 
12 O3  ? B NO3 .  ? A NO3 201 ? 1_555 AG A F AG . ? A AG 205 ? 1_555 O   ? G HOH .  ? A HOH 308 ? 2_475 135.7 ? 
13 N07 B A I77 11 ? A I77 11  ? 1_555 AG B F AG . ? A AG 205 ? 1_555 N10 B A I77 11 ? A I77 11  ? 1_555 80.4  ? 
14 N07 B A I77 11 ? A I77 11  ? 1_555 AG B F AG . ? A AG 205 ? 1_555 O   ? G HOH .  ? A HOH 302 ? 1_665 142.0 ? 
15 N10 B A I77 11 ? A I77 11  ? 1_555 AG B F AG . ? A AG 205 ? 1_555 O   ? G HOH .  ? A HOH 302 ? 1_665 115.9 ? 
16 N07 B A I77 11 ? A I77 11  ? 1_555 AG B F AG . ? A AG 205 ? 1_555 O   ? G HOH .  ? A HOH 304 ? 1_665 137.6 ? 
17 N10 B A I77 11 ? A I77 11  ? 1_555 AG B F AG . ? A AG 205 ? 1_555 O   ? G HOH .  ? A HOH 304 ? 1_665 125.8 ? 
18 O   ? G HOH .  ? A HOH 302 ? 1_665 AG B F AG . ? A AG 205 ? 1_555 O   ? G HOH .  ? A HOH 304 ? 1_665 62.0  ? 
# 
_pdbx_entry_details.entry_id                   8GK2 
_pdbx_entry_details.has_ligand_of_interest     N 
_pdbx_entry_details.compound_details           ? 
_pdbx_entry_details.source_details             ? 
_pdbx_entry_details.nonpolymer_details         ? 
_pdbx_entry_details.sequence_details           ? 
_pdbx_entry_details.has_protein_modification   ? 
# 
_pdbx_struct_special_symmetry.id              1 
_pdbx_struct_special_symmetry.PDB_model_num   1 
_pdbx_struct_special_symmetry.auth_asym_id    A 
_pdbx_struct_special_symmetry.auth_comp_id    HOH 
_pdbx_struct_special_symmetry.auth_seq_id     304 
_pdbx_struct_special_symmetry.PDB_ins_code    ? 
_pdbx_struct_special_symmetry.label_asym_id   G 
_pdbx_struct_special_symmetry.label_comp_id   HOH 
_pdbx_struct_special_symmetry.label_seq_id    . 
# 
loop_
_space_group_symop.id 
_space_group_symop.operation_xyz 
1 x,y,z           
2 x+1/2,-y,-z+1/2 
3 -x,y,-z         
4 -x+1/2,-y,z+1/2 
# 
loop_
_pdbx_distant_solvent_atoms.id 
_pdbx_distant_solvent_atoms.PDB_model_num 
_pdbx_distant_solvent_atoms.auth_atom_id 
_pdbx_distant_solvent_atoms.label_alt_id 
_pdbx_distant_solvent_atoms.auth_asym_id 
_pdbx_distant_solvent_atoms.auth_comp_id 
_pdbx_distant_solvent_atoms.auth_seq_id 
_pdbx_distant_solvent_atoms.PDB_ins_code 
_pdbx_distant_solvent_atoms.neighbor_macromolecule_distance 
_pdbx_distant_solvent_atoms.neighbor_ligand_distance 
1 1 O ? A HOH 304 ? 6.21  . 
2 1 O ? A HOH 305 ? 10.15 . 
3 1 O ? A HOH 306 ? 10.78 . 
4 1 O ? A HOH 307 ? 11.82 . 
5 1 O ? A HOH 308 ? 12.27 . 
# 
loop_
_chem_comp_atom.comp_id 
_chem_comp_atom.atom_id 
_chem_comp_atom.type_symbol 
_chem_comp_atom.pdbx_aromatic_flag 
_chem_comp_atom.pdbx_stereo_config 
_chem_comp_atom.pdbx_ordinal 
AG  AG   AG N N 1   
AIB N    N  N N 2   
AIB CA   C  N N 3   
AIB C    C  N N 4   
AIB O    O  N N 5   
AIB OXT  O  N N 6   
AIB CB1  C  N N 7   
AIB CB2  C  N N 8   
AIB H    H  N N 9   
AIB H2   H  N N 10  
AIB HXT  H  N N 11  
AIB HB11 H  N N 12  
AIB HB12 H  N N 13  
AIB HB13 H  N N 14  
AIB HB21 H  N N 15  
AIB HB22 H  N N 16  
AIB HB23 H  N N 17  
ALA N    N  N N 18  
ALA CA   C  N S 19  
ALA C    C  N N 20  
ALA O    O  N N 21  
ALA CB   C  N N 22  
ALA OXT  O  N N 23  
ALA H    H  N N 24  
ALA H2   H  N N 25  
ALA HA   H  N N 26  
ALA HB1  H  N N 27  
ALA HB2  H  N N 28  
ALA HB3  H  N N 29  
ALA HXT  H  N N 30  
CYS N    N  N N 31  
CYS CA   C  N R 32  
CYS C    C  N N 33  
CYS O    O  N N 34  
CYS CB   C  N N 35  
CYS SG   S  N N 36  
CYS OXT  O  N N 37  
CYS H    H  N N 38  
CYS H2   H  N N 39  
CYS HA   H  N N 40  
CYS HB2  H  N N 41  
CYS HB3  H  N N 42  
CYS HG   H  N N 43  
CYS HXT  H  N N 44  
HOH O    O  N N 45  
HOH H1   H  N N 46  
HOH H2   H  N N 47  
I77 C11  C  Y N 48  
I77 C12  C  Y N 49  
I77 C13  C  N N 50  
I77 C17  C  Y N 51  
I77 C18  C  Y N 52  
I77 C02  C  N N 53  
I77 C03  C  Y N 54  
I77 C04  C  Y N 55  
I77 C05  C  Y N 56  
I77 C06  C  Y N 57  
I77 C08  C  Y N 58  
I77 C09  C  Y N 59  
I77 N01  N  N N 60  
I77 N07  N  Y N 61  
I77 N10  N  Y N 62  
I77 N14  N  N N 63  
I77 N15  N  N N 64  
I77 O16  O  N N 65  
I77 O19  O  N N 66  
I77 H111 H  N N 67  
I77 H171 H  N N 68  
I77 H181 H  N N 69  
I77 H041 H  N N 70  
I77 H051 H  N N 71  
I77 H061 H  N N 72  
I77 H011 H  N N 73  
I77 H012 H  N N 74  
I77 H141 H  N N 75  
I77 H1   H  N N 76  
I77 H2   H  N N 77  
LEU N    N  N N 78  
LEU CA   C  N S 79  
LEU C    C  N N 80  
LEU O    O  N N 81  
LEU CB   C  N N 82  
LEU CG   C  N N 83  
LEU CD1  C  N N 84  
LEU CD2  C  N N 85  
LEU OXT  O  N N 86  
LEU H    H  N N 87  
LEU H2   H  N N 88  
LEU HA   H  N N 89  
LEU HB2  H  N N 90  
LEU HB3  H  N N 91  
LEU HG   H  N N 92  
LEU HD11 H  N N 93  
LEU HD12 H  N N 94  
LEU HD13 H  N N 95  
LEU HD21 H  N N 96  
LEU HD22 H  N N 97  
LEU HD23 H  N N 98  
LEU HXT  H  N N 99  
NIO N    N  Y N 100 
NIO C1   C  Y N 101 
NIO C2   C  Y N 102 
NIO C3   C  Y N 103 
NIO C4   C  Y N 104 
NIO C5   C  Y N 105 
NIO C6   C  N N 106 
NIO O1   O  N N 107 
NIO O2   O  N N 108 
NIO H1   H  N N 109 
NIO H3   H  N N 110 
NIO H4   H  N N 111 
NIO H5   H  N N 112 
NIO HO2  H  N N 113 
NO3 N    N  N N 114 
NO3 O1   O  N N 115 
NO3 O2   O  N N 116 
NO3 O3   O  N N 117 
SER N    N  N N 118 
SER CA   C  N S 119 
SER C    C  N N 120 
SER O    O  N N 121 
SER CB   C  N N 122 
SER OG   O  N N 123 
SER OXT  O  N N 124 
SER H    H  N N 125 
SER H2   H  N N 126 
SER HA   H  N N 127 
SER HB2  H  N N 128 
SER HB3  H  N N 129 
SER HG   H  N N 130 
SER HXT  H  N N 131 
# 
loop_
_chem_comp_bond.comp_id 
_chem_comp_bond.atom_id_1 
_chem_comp_bond.atom_id_2 
_chem_comp_bond.value_order 
_chem_comp_bond.pdbx_aromatic_flag 
_chem_comp_bond.pdbx_stereo_config 
_chem_comp_bond.pdbx_ordinal 
AIB N   CA   sing N N 1   
AIB N   H    sing N N 2   
AIB N   H2   sing N N 3   
AIB CA  C    sing N N 4   
AIB CA  CB1  sing N N 5   
AIB CA  CB2  sing N N 6   
AIB C   O    doub N N 7   
AIB C   OXT  sing N N 8   
AIB OXT HXT  sing N N 9   
AIB CB1 HB11 sing N N 10  
AIB CB1 HB12 sing N N 11  
AIB CB1 HB13 sing N N 12  
AIB CB2 HB21 sing N N 13  
AIB CB2 HB22 sing N N 14  
AIB CB2 HB23 sing N N 15  
ALA N   CA   sing N N 16  
ALA N   H    sing N N 17  
ALA N   H2   sing N N 18  
ALA CA  C    sing N N 19  
ALA CA  CB   sing N N 20  
ALA CA  HA   sing N N 21  
ALA C   O    doub N N 22  
ALA C   OXT  sing N N 23  
ALA CB  HB1  sing N N 24  
ALA CB  HB2  sing N N 25  
ALA CB  HB3  sing N N 26  
ALA OXT HXT  sing N N 27  
CYS N   CA   sing N N 28  
CYS N   H    sing N N 29  
CYS N   H2   sing N N 30  
CYS CA  C    sing N N 31  
CYS CA  CB   sing N N 32  
CYS CA  HA   sing N N 33  
CYS C   O    doub N N 34  
CYS C   OXT  sing N N 35  
CYS CB  SG   sing N N 36  
CYS CB  HB2  sing N N 37  
CYS CB  HB3  sing N N 38  
CYS SG  HG   sing N N 39  
CYS OXT HXT  sing N N 40  
HOH O   H1   sing N N 41  
HOH O   H2   sing N N 42  
I77 N15 N14  sing N N 43  
I77 O16 C13  doub N N 44  
I77 N14 C13  sing N N 45  
I77 C13 C12  sing N N 46  
I77 C12 C17  doub Y N 47  
I77 C12 C11  sing Y N 48  
I77 C17 C18  sing Y N 49  
I77 C11 N10  doub Y N 50  
I77 C18 C09  doub Y N 51  
I77 N10 C09  sing Y N 52  
I77 C09 C08  sing N N 53  
I77 C08 N07  doub Y N 54  
I77 C08 C05  sing Y N 55  
I77 N07 C06  sing Y N 56  
I77 C05 C04  doub Y N 57  
I77 C06 C03  doub Y N 58  
I77 C04 C03  sing Y N 59  
I77 C03 C02  sing N N 60  
I77 C02 N01  sing N N 61  
I77 C02 O19  doub N N 62  
I77 C11 H111 sing N N 63  
I77 C17 H171 sing N N 64  
I77 C18 H181 sing N N 65  
I77 C04 H041 sing N N 66  
I77 C05 H051 sing N N 67  
I77 C06 H061 sing N N 68  
I77 N01 H011 sing N N 69  
I77 N01 H012 sing N N 70  
I77 N14 H141 sing N N 71  
I77 N15 H1   sing N N 72  
I77 N15 H2   sing N N 73  
LEU N   CA   sing N N 74  
LEU N   H    sing N N 75  
LEU N   H2   sing N N 76  
LEU CA  C    sing N N 77  
LEU CA  CB   sing N N 78  
LEU CA  HA   sing N N 79  
LEU C   O    doub N N 80  
LEU C   OXT  sing N N 81  
LEU CB  CG   sing N N 82  
LEU CB  HB2  sing N N 83  
LEU CB  HB3  sing N N 84  
LEU CG  CD1  sing N N 85  
LEU CG  CD2  sing N N 86  
LEU CG  HG   sing N N 87  
LEU CD1 HD11 sing N N 88  
LEU CD1 HD12 sing N N 89  
LEU CD1 HD13 sing N N 90  
LEU CD2 HD21 sing N N 91  
LEU CD2 HD22 sing N N 92  
LEU CD2 HD23 sing N N 93  
LEU OXT HXT  sing N N 94  
NIO N   C1   doub Y N 95  
NIO N   C5   sing Y N 96  
NIO C1  C2   sing Y N 97  
NIO C1  H1   sing N N 98  
NIO C2  C3   doub Y N 99  
NIO C2  C6   sing N N 100 
NIO C3  C4   sing Y N 101 
NIO C3  H3   sing N N 102 
NIO C4  C5   doub Y N 103 
NIO C4  H4   sing N N 104 
NIO C5  H5   sing N N 105 
NIO C6  O1   doub N N 106 
NIO C6  O2   sing N N 107 
NIO O2  HO2  sing N N 108 
NO3 N   O1   doub N N 109 
NO3 N   O2   sing N N 110 
NO3 N   O3   sing N N 111 
SER N   CA   sing N N 112 
SER N   H    sing N N 113 
SER N   H2   sing N N 114 
SER CA  C    sing N N 115 
SER CA  CB   sing N N 116 
SER CA  HA   sing N N 117 
SER C   O    doub N N 118 
SER C   OXT  sing N N 119 
SER CB  OG   sing N N 120 
SER CB  HB2  sing N N 121 
SER CB  HB3  sing N N 122 
SER OG  HG   sing N N 123 
SER OXT HXT  sing N N 124 
# 
_pdbx_audit_support.funding_organization   'Other private' 
_pdbx_audit_support.country                ? 
_pdbx_audit_support.grant_number           ? 
_pdbx_audit_support.ordinal                1 
# 
_pdbx_initial_refinement_model.id               1 
_pdbx_initial_refinement_model.entity_id_list   ? 
_pdbx_initial_refinement_model.type             other 
_pdbx_initial_refinement_model.source_name      Other 
_pdbx_initial_refinement_model.accession_code   ? 
_pdbx_initial_refinement_model.details          model 
# 
_space_group.name_H-M_alt     'P 21 2 21' 
_space_group.name_Hall        'P 2 2ab (y,z,x)' 
_space_group.IT_number        18 
_space_group.crystal_system   orthorhombic 
_space_group.id               1 
# 
_atom_sites.entry_id                    8GK2 
_atom_sites.Cartn_transf_matrix[1][1]   ? 
_atom_sites.Cartn_transf_matrix[1][2]   ? 
_atom_sites.Cartn_transf_matrix[1][3]   ? 
_atom_sites.Cartn_transf_matrix[2][1]   ? 
_atom_sites.Cartn_transf_matrix[2][2]   ? 
_atom_sites.Cartn_transf_matrix[2][3]   ? 
_atom_sites.Cartn_transf_matrix[3][1]   ? 
_atom_sites.Cartn_transf_matrix[3][2]   ? 
_atom_sites.Cartn_transf_matrix[3][3]   ? 
_atom_sites.Cartn_transf_vector[1]      ? 
_atom_sites.Cartn_transf_vector[2]      ? 
_atom_sites.Cartn_transf_vector[3]      ? 
_atom_sites.fract_transf_matrix[1][1]   -0.08078592 
_atom_sites.fract_transf_matrix[1][2]   0.04762213 
_atom_sites.fract_transf_matrix[1][3]   0.07220905 
_atom_sites.fract_transf_matrix[2][1]   -0.03853124 
_atom_sites.fract_transf_matrix[2][2]   0.00378607 
_atom_sites.fract_transf_matrix[2][3]   -0.04560483 
_atom_sites.fract_transf_matrix[3][1]   -0.00626900 
_atom_sites.fract_transf_matrix[3][2]   -0.01657898 
_atom_sites.fract_transf_matrix[3][3]   0.00392027 
_atom_sites.fract_transf_vector[1]      -0.360863 
_atom_sites.fract_transf_vector[2]      0.412244 
_atom_sites.fract_transf_vector[3]      0.160407 
_atom_sites.solution_primary            ? 
_atom_sites.solution_secondary          ? 
_atom_sites.solution_hydrogens          ? 
_atom_sites.special_details             ? 
# 
loop_
_atom_type.symbol 
_atom_type.scat_dispersion_real 
_atom_type.scat_dispersion_imag 
_atom_type.scat_Cromer_Mann_a1 
_atom_type.scat_Cromer_Mann_a2 
_atom_type.scat_Cromer_Mann_a3 
_atom_type.scat_Cromer_Mann_a4 
_atom_type.scat_Cromer_Mann_b1 
_atom_type.scat_Cromer_Mann_b2 
_atom_type.scat_Cromer_Mann_b3 
_atom_type.scat_Cromer_Mann_b4 
_atom_type.scat_Cromer_Mann_c 
_atom_type.scat_source 
_atom_type.scat_dispersion_source 
AG ? ? 23.31221 18.40806 5.20642 ? 0.41466  7.07241  34.94609 ? 0.0 
;3-Gaussian fit: Grosse-Kunstleve RW, Sauter NK, Adams PD: Newsletter of the IUCr Commission on Crystallographic Computing 2004, 3, 22-31.
;
? 
C  ? ? 2.51340  1.74867  1.72398 ? 31.80534 0.44561  10.58317 ? 0.0 
;3-Gaussian fit: Grosse-Kunstleve RW, Sauter NK, Adams PD: Newsletter of the IUCr Commission on Crystallographic Computing 2004, 3, 22-31.
;
? 
H  ? ? 0.53795  0.34799  0.11320 ? 10.08003 29.74760 2.57510  ? 0.0 
;3-Gaussian fit: Grosse-Kunstleve RW, Sauter NK, Adams PD: Newsletter of the IUCr Commission on Crystallographic Computing 2004, 3, 22-31.
;
? 
N  ? ? 2.99955  2.25584  1.72788 ? 23.27268 7.45433  0.31622  ? 0.0 
;3-Gaussian fit: Grosse-Kunstleve RW, Sauter NK, Adams PD: Newsletter of the IUCr Commission on Crystallographic Computing 2004, 3, 22-31.
;
? 
O  ? ? 3.21184  3.04156  1.73156 ? 18.83700 5.90590  0.24126  ? 0.0 
;3-Gaussian fit: Grosse-Kunstleve RW, Sauter NK, Adams PD: Newsletter of the IUCr Commission on Crystallographic Computing 2004, 3, 22-31.
;
? 
S  ? ? 6.83013  6.13863  2.99358 ? 0.66409  30.18870 3.52397  ? 0.0 
;3-Gaussian fit: Grosse-Kunstleve RW, Sauter NK, Adams PD: Newsletter of the IUCr Commission on Crystallographic Computing 2004, 3, 22-31.
;
? 
# 
loop_
_atom_site.group_PDB 
_atom_site.id 
_atom_site.type_symbol 
_atom_site.label_atom_id 
_atom_site.label_alt_id 
_atom_site.label_comp_id 
_atom_site.label_asym_id 
_atom_site.label_entity_id 
_atom_site.label_seq_id 
_atom_site.pdbx_PDB_ins_code 
_atom_site.Cartn_x 
_atom_site.Cartn_y 
_atom_site.Cartn_z 
_atom_site.occupancy 
_atom_site.B_iso_or_equiv 
_atom_site.pdbx_formal_charge 
_atom_site.auth_seq_id 
_atom_site.auth_comp_id 
_atom_site.auth_asym_id 
_atom_site.auth_atom_id 
_atom_site.pdbx_PDB_model_num 
HETATM 1   N  N    . NIO A 1 1  ? 9.11078   1.42224  4.67584  1.000 6.24041  ? 1   NIO A N    1 
HETATM 2   C  C1   . NIO A 1 1  ? 8.12297   0.53242  4.47168  1.000 6.31248  ? 1   NIO A C1   1 
HETATM 3   C  C2   . NIO A 1 1  ? 6.97198   0.81379  3.74379  1.000 5.21481  ? 1   NIO A C2   1 
HETATM 4   C  C3   . NIO A 1 1  ? 6.85732   2.08711  3.20566  1.000 6.45418  ? 1   NIO A C3   1 
HETATM 5   C  C4   . NIO A 1 1  ? 7.84363   3.02253  3.43746  1.000 7.23477  ? 1   NIO A C4   1 
HETATM 6   C  C5   . NIO A 1 1  ? 8.94841   2.64578  4.16687  1.000 7.18350  ? 1   NIO A C5   1 
HETATM 7   C  C6   . NIO A 1 1  ? 5.90761   -0.20263 3.47975  1.000 4.70484  ? 1   NIO A C6   1 
HETATM 8   O  O1   . NIO A 1 1  ? 5.15608   -0.01031 2.49371  1.000 4.85366  ? 1   NIO A O1   1 
HETATM 9   H  H1   . NIO A 1 1  ? 8.21478   -0.31770 4.83742  1.000 7.68131  ? 1   NIO A H1   1 
HETATM 10  H  H3   . NIO A 1 1  ? 6.11648   2.30959  2.68937  1.000 7.85134  ? 1   NIO A H3   1 
HETATM 11  H  H4   . NIO A 1 1  ? 7.76411   3.88868  3.10828  1.000 8.78805  ? 1   NIO A H4   1 
HETATM 12  H  H5   . NIO A 1 1  ? 9.61638   3.27619  4.31273  1.000 8.72652  ? 1   NIO A H5   1 
ATOM   13  N  N    . LEU A 1 2  ? 5.70609   -1.27224 4.40150  1.000 4.30031  ? 2   LEU A N    1 
ATOM   14  C  CA   . LEU A 1 2  ? 4.68938   -2.25394 4.06036  1.000 4.21802  ? 2   LEU A CA   1 
ATOM   15  C  C    . LEU A 1 2  ? 3.28307   -1.67912 4.00318  1.000 4.20170  ? 2   LEU A C    1 
ATOM   16  O  O    . LEU A 1 2  ? 2.56262   -1.98086 3.05763  1.000 4.02949  ? 2   LEU A O    1 
ATOM   17  C  CB   . LEU A 1 2  ? 4.75943   -3.38994 5.07177  1.000 4.51854  ? 2   LEU A CB   1 
ATOM   18  C  CG   . LEU A 1 2  ? 5.97521   -4.31251 4.95398  1.000 4.70680  ? 2   LEU A CG   1 
ATOM   19  C  CD1  . LEU A 1 2  ? 6.18099   -5.08382 6.24432  1.000 5.73545  ? 2   LEU A CD1  1 
ATOM   20  C  CD2  . LEU A 1 2  ? 5.79571   -5.28686 3.75907  1.000 4.98561  ? 2   LEU A CD2  1 
ATOM   21  H  HA   . LEU A 1 2  ? 4.86473   -2.58857 3.16696  1.000 5.16795  ? 2   LEU A HA   1 
ATOM   22  H  HB2  . LEU A 1 2  ? 4.77622   -3.00338 5.96126  1.000 5.52858  ? 2   LEU A HB2  1 
ATOM   23  H  HB3  . LEU A 1 2  ? 3.96829   -3.94080 4.96431  1.000 5.52858  ? 2   LEU A HB3  1 
ATOM   24  H  HG   . LEU A 1 2  ? 6.76850   -3.77791 4.79344  1.000 5.75448  ? 2   LEU A HG   1 
ATOM   25  H  HD11 . LEU A 1 2  ? 6.83630   -5.78288 6.09329  1.000 6.98886  ? 2   LEU A HD11 1 
ATOM   26  H  HD12 . LEU A 1 2  ? 6.49890   -4.47476 6.92904  1.000 6.98886  ? 2   LEU A HD12 1 
ATOM   27  H  HD13 . LEU A 1 2  ? 5.33627   -5.47546 6.51628  1.000 6.98886  ? 2   LEU A HD13 1 
ATOM   28  H  HD21 . LEU A 1 2  ? 6.57248   -5.86519 3.70374  1.000 6.08906  ? 2   LEU A HD21 1 
ATOM   29  H  HD22 . LEU A 1 2  ? 4.99707   -5.81842 3.90224  1.000 6.08906  ? 2   LEU A HD22 1 
ATOM   30  H  HD23 . LEU A 1 2  ? 5.70804   -4.77164 2.94190  1.000 6.08906  ? 2   LEU A HD23 1 
HETATM 31  N  N    . AIB A 1 3  ? 2.89163   -0.90117 5.02394  1.000 4.16301  ? 3   AIB A N    1 
HETATM 32  C  CA   . AIB A 1 3  ? 1.57365   -0.28112 5.01673  1.000 4.83549  ? 3   AIB A CA   1 
HETATM 33  C  C    . AIB A 1 3  ? 1.29896   0.55218  3.75828  1.000 4.31647  ? 3   AIB A C    1 
HETATM 34  O  O    . AIB A 1 3  ? 0.27852   0.43922  3.10253  1.000 3.77192  ? 3   AIB A O    1 
HETATM 35  C  CB1  . AIB A 1 3  ? 0.53137   -1.41544 5.18554  1.000 4.05084  ? 3   AIB A CB1  1 
HETATM 36  C  CB2  . AIB A 1 3  ? 1.40544   0.67255  6.21750  1.000 4.11247  ? 3   AIB A CB2  1 
HETATM 37  H  H    . AIB A 1 3  ? 3.26166   -0.94903 5.95280  1.000 5.10194  ? 3   AIB A H    1 
HETATM 38  H  HB11 . AIB A 1 3  ? -0.45393  -0.98072 5.47821  1.000 4.96734  ? 3   AIB A HB11 1 
HETATM 39  H  HB12 . AIB A 1 3  ? 0.41777   -1.96852 4.22291  1.000 4.96734  ? 3   AIB A HB12 1 
HETATM 40  H  HB13 . AIB A 1 3  ? 0.87085   -2.12356 5.97848  1.000 4.96734  ? 3   AIB A HB13 1 
HETATM 41  H  HB21 . AIB A 1 3  ? 0.34422   1.01815  6.26294  1.000 5.04129  ? 3   AIB A HB21 1 
HETATM 42  H  HB22 . AIB A 1 3  ? 1.66773   0.12691  7.15621  1.000 5.04129  ? 3   AIB A HB22 1 
HETATM 43  H  HB23 . AIB A 1 3  ? 2.08503   1.54909  6.08515  1.000 5.04129  ? 3   AIB A HB23 1 
ATOM   44  N  N    . ALA A 1 4  ? 2.29895   1.34386  3.38628  1.000 5.07660  ? 4   ALA A N    1 
ATOM   45  C  CA   . ALA A 1 4  ? 2.16668   2.20928  2.22685  1.000 5.12010  ? 4   ALA A CA   1 
ATOM   46  C  C    . ALA A 1 4  ? 1.99839   1.40368  0.92997  1.000 5.14612  ? 4   ALA A C    1 
ATOM   47  O  O    . ALA A 1 4  ? 1.27408   1.83164  0.03825  1.000 5.22551  ? 4   ALA A O    1 
ATOM   48  C  CB   . ALA A 1 4  ? 3.32586   3.16198  2.09599  1.000 6.91065  ? 4   ALA A CB   1 
ATOM   49  H  H    . ALA A 1 4  ? 3.05777   1.39586  3.78764  1.000 6.19825  ? 4   ALA A H    1 
ATOM   50  H  HA   . ALA A 1 4  ? 1.36749   2.74251  2.36054  1.000 6.25045  ? 4   ALA A HA   1 
ATOM   51  H  HB1  . ALA A 1 4  ? 3.18927   3.72009  1.31450  1.000 8.39911  ? 4   ALA A HB1  1 
ATOM   52  H  HB2  . ALA A 1 4  ? 3.37264   3.71371  2.89242  1.000 8.39911  ? 4   ALA A HB2  1 
ATOM   53  H  HB3  . ALA A 1 4  ? 4.14485   2.65137  1.99876  1.000 8.39911  ? 4   ALA A HB3  1 
ATOM   54  N  N    . SER A 1 5  ? 2.66585   0.23419  0.86382  1.000 4.67686  ? 5   SER A N    1 
ATOM   55  C  CA   . SER A 1 5  ? 2.54514   -0.57752 -0.34037 1.000 4.87902  ? 5   SER A CA   1 
ATOM   56  C  C    . SER A 1 5  ? 1.12217   -1.06982 -0.54045 1.000 4.44089  ? 5   SER A C    1 
ATOM   57  O  O    . SER A 1 5  ? 0.64449   -1.14012 -1.66471 1.000 4.68238  ? 5   SER A O    1 
ATOM   58  C  CB   . SER A 1 5  ? 3.52078   -1.75575 -0.32374 1.000 5.47354  ? 5   SER A CB   1 
ATOM   59  O  OG   . SER A 1 5  ? 3.10259   -2.82350 0.53960  1.000 6.15426  ? 5   SER A OG   1 
ATOM   60  H  H    . SER A 1 5  ? 3.17058   -0.08937 1.48037  1.000 5.71856  ? 5   SER A H    1 
ATOM   61  H  HA   . SER A 1 5  ? 2.78510   -0.01752 -1.09517 1.000 5.96115  ? 5   SER A HA   1 
ATOM   62  H  HB2  . SER A 1 5  ? 3.59677   -2.10333 -1.22613 1.000 6.67458  ? 5   SER A HB2  1 
ATOM   63  H  HB3  . SER A 1 5  ? 4.38360   -1.43476 -0.01812 1.000 6.67458  ? 5   SER A HB3  1 
ATOM   64  H  HG   . SER A 1 5  ? 2.82480   -2.51163 1.26841  1.000 7.49144  ? 5   SER A HG   1 
ATOM   65  N  N    . LEU A 1 6  ? 0.43569   -1.39828 0.54680  1.000 4.48457  ? 6   LEU A N    1 
ATOM   66  C  CA   . LEU A 1 6  ? -0.95699  -1.81572 0.48403  1.000 4.72175  ? 6   LEU A CA   1 
ATOM   67  C  C    . LEU A 1 6  ? -1.84428  -0.67936 -0.00999 1.000 5.12466  ? 6   LEU A C    1 
ATOM   68  O  O    . LEU A 1 6  ? -2.69106  -0.86908 -0.88654 1.000 5.29102  ? 6   LEU A O    1 
ATOM   69  C  CB   . LEU A 1 6  ? -1.36196  -2.27646 1.89295  1.000 4.53126  ? 6   LEU A CB   1 
ATOM   70  C  CG   . LEU A 1 6  ? -2.83397  -2.63198 2.12560  1.000 4.66111  ? 6   LEU A CG   1 
ATOM   71  C  CD1  . LEU A 1 6  ? -3.23298  -3.81904 1.23849  1.000 4.97078  ? 6   LEU A CD1  1 
ATOM   72  C  CD2  . LEU A 1 6  ? -3.10700  -2.93409 3.59360  1.000 5.00382  ? 6   LEU A CD2  1 
ATOM   73  H  H    . LEU A 1 6  ? 0.75714   -1.38787 1.34439  1.000 5.48781  ? 6   LEU A H    1 
ATOM   74  H  HA   . LEU A 1 6  ? -1.07171  -2.55057 -0.13865 1.000 5.77242  ? 6   LEU A HA   1 
ATOM   75  H  HB2  . LEU A 1 6  ? -0.84482  -3.06907 2.10569  1.000 5.54384  ? 6   LEU A HB2  1 
ATOM   76  H  HB3  . LEU A 1 6  ? -1.14446  -1.56232 2.51230  1.000 5.54384  ? 6   LEU A HB3  1 
ATOM   77  H  HG   . LEU A 1 6  ? -3.38341  -1.86950 1.88552  1.000 5.69966  ? 6   LEU A HG   1 
ATOM   78  H  HD11 . LEU A 1 6  ? -4.11678  -4.12368 1.49733  1.000 6.07126  ? 6   LEU A HD11 1 
ATOM   79  H  HD12 . LEU A 1 6  ? -3.24011  -3.53243 0.31184  1.000 6.07126  ? 6   LEU A HD12 1 
ATOM   80  H  HD13 . LEU A 1 6  ? -2.58836  -4.53382 1.35871  1.000 6.07126  ? 6   LEU A HD13 1 
ATOM   81  H  HD21 . LEU A 1 6  ? -4.00882  -3.28012 3.68238  1.000 6.11091  ? 6   LEU A HD21 1 
ATOM   82  H  HD22 . LEU A 1 6  ? -2.46748  -3.59382 3.90450  1.000 6.11091  ? 6   LEU A HD22 1 
ATOM   83  H  HD23 . LEU A 1 6  ? -3.01451  -2.11621 4.10684  1.000 6.11091  ? 6   LEU A HD23 1 
ATOM   84  N  N    . ALA A 1 7  ? -1.70735  0.49892  0.59495  1.000 5.63901  ? 7   ALA A N    1 
ATOM   85  C  CA   . ALA A 1 7  ? -2.51619  1.63998  0.18910  1.000 5.40134  ? 7   ALA A CA   1 
ATOM   86  C  C    . ALA A 1 7  ? -2.25064  2.01013  -1.26031 1.000 5.30145  ? 7   ALA A C    1 
ATOM   87  O  O    . ALA A 1 7  ? -3.17323  2.28467  -2.00757 1.000 5.32355  ? 7   ALA A O    1 
ATOM   88  C  CB   . ALA A 1 7  ? -2.19680  2.81929  1.10572  1.000 6.81358  ? 7   ALA A CB   1 
ATOM   89  H  H    . ALA A 1 7  ? -1.15836  0.66125  1.23671  1.000 6.87314  ? 7   ALA A H    1 
ATOM   90  H  HA   . ALA A 1 7  ? -3.45723  1.41994  0.27224  1.000 6.58793  ? 7   ALA A HA   1 
ATOM   91  H  HB1  . ALA A 1 7  ? -2.70025  3.59408  0.81054  1.000 8.28263  ? 7   ALA A HB1  1 
ATOM   92  H  HB2  . ALA A 1 7  ? -2.44608  2.58944  2.01453  1.000 8.28263  ? 7   ALA A HB2  1 
ATOM   93  H  HB3  . ALA A 1 7  ? -1.24598  3.00583  1.06064  1.000 8.28263  ? 7   ALA A HB3  1 
ATOM   94  N  N    . CYS A 1 8  ? -0.98734  2.00438  -1.66196 1.000 4.75232  ? 8   CYS A N    1 
ATOM   95  C  CA   . CYS A 1 8  ? -0.62781  2.33672  -3.02820 1.000 5.16526  ? 8   CYS A CA   1 
ATOM   96  C  C    . CYS A 1 8  ? -1.25127  1.36773  -4.01683 1.000 4.17068  ? 8   CYS A C    1 
ATOM   97  O  O    . CYS A 1 8  ? -1.88501  1.79532  -4.97319 1.000 4.22981  ? 8   CYS A O    1 
ATOM   98  C  CB   . CYS A 1 8  ? 0.90814   2.34433  -3.13733 1.000 5.90099  ? 8   CYS A CB   1 
ATOM   99  S  SG   . CYS A 1 8  ? 1.50614   2.77729  -4.83213 1.000 7.40891  ? 8   CYS A SG   1 
ATOM   100 H  H    . CYS A 1 8  ? -0.31780  1.81021  -1.15838 1.000 5.80911  ? 8   CYS A H    1 
ATOM   101 H  HA   . CYS A 1 8  ? -0.96183  3.21571  -3.26632 1.000 6.30464  ? 8   CYS A HA   1 
ATOM   102 H  HB2  . CYS A 1 8  ? 1.26487   2.99917  -2.51699 1.000 7.18751  ? 8   CYS A HB2  1 
ATOM   103 H  HB3  . CYS A 1 8  ? 1.24405   1.46138  -2.91719 1.000 7.18751  ? 8   CYS A HB3  1 
HETATM 104 N  N    . AIB A 1 9  ? -1.04695  0.07781  -3.76723 1.000 4.08699  ? 9   AIB A N    1 
HETATM 105 C  CA   . AIB A 1 9  ? -1.58555  -0.95744 -4.63719 1.000 4.26926  ? 9   AIB A CA   1 
HETATM 106 C  C    . AIB A 1 9  ? -3.08291  -0.81557 -4.93989 1.000 3.97652  ? 9   AIB A C    1 
HETATM 107 O  O    . AIB A 1 9  ? -3.51443  -0.89258 -6.06946 1.000 4.63077  ? 9   AIB A O    1 
HETATM 108 C  CB1  . AIB A 1 9  ? -0.80552  -0.95520 -5.97862 1.000 4.56321  ? 9   AIB A CB1  1 
HETATM 109 C  CB2  . AIB A 1 9  ? -1.47720  -2.35544 -4.01555 1.000 4.36058  ? 9   AIB A CB2  1 
HETATM 110 H  H    . AIB A 1 9  ? -0.28287  -0.28016 -3.22867 0.533 5.01072  ? 9   AIB A H    1 
HETATM 111 H  HB11 . AIB A 1 9  ? -1.19007  -1.76854 -6.63898 1.000 5.58219  ? 9   AIB A HB11 1 
HETATM 112 H  HB12 . AIB A 1 9  ? -0.93917  0.02765  -6.49009 1.000 5.58219  ? 9   AIB A HB12 1 
HETATM 113 H  HB13 . AIB A 1 9  ? 0.28028   -1.12309 -5.78290 1.000 5.58219  ? 9   AIB A HB13 1 
HETATM 114 H  HB21 . AIB A 1 9  ? -1.93794  -3.09983 -4.70930 1.000 5.33902  ? 9   AIB A HB21 1 
HETATM 115 H  HB22 . AIB A 1 9  ? -0.39929  -2.60121 -3.85616 1.000 5.33902  ? 9   AIB A HB22 1 
HETATM 116 H  HB23 . AIB A 1 9  ? -2.01705  -2.36267 -3.03770 1.000 5.33902  ? 9   AIB A HB23 1 
ATOM   117 N  N    . LEU A 1 10 ? -3.82109  -0.46292 -3.87364 1.000 4.30968  ? 10  LEU A N    1 
ATOM   118 C  CA   . LEU A 1 10 ? -5.28831  -0.30024 -3.97130 1.000 4.54336  ? 10  LEU A CA   1 
ATOM   119 C  C    . LEU A 1 10 ? -5.73903  1.10846  -4.36822 1.000 4.55941  ? 10  LEU A C    1 
ATOM   120 O  O    . LEU A 1 10 ? -6.90382  1.46340  -4.28945 1.000 5.28772  ? 10  LEU A O    1 
ATOM   121 C  CB   . LEU A 1 10 ? -5.92576  -0.72650 -2.64735 1.000 4.33165  ? 10  LEU A CB   1 
ATOM   122 C  CG   . LEU A 1 10 ? -5.85999  -2.23047 -2.32335 1.000 4.51743  ? 10  LEU A CG   1 
ATOM   123 C  CD1  . LEU A 1 10 ? -6.22124  -2.46446 -0.86728 1.000 4.89367  ? 10  LEU A CD1  1 
ATOM   124 C  CD2  . LEU A 1 10 ? -6.76998  -3.02841 -3.21392 1.000 5.50827  ? 10  LEU A CD2  1 
ATOM   125 H  H    . LEU A 1 10 ? -3.50158  -0.31309 -3.08938 1.000 5.27795  ? 10  LEU A H    1 
ATOM   126 H  HA   . LEU A 1 10 ? -5.60901  -0.87019 -4.68768 1.000 5.55837  ? 10  LEU A HA   1 
ATOM   127 H  HB2  . LEU A 1 10 ? -5.47382  -0.25729 -1.92867 1.000 5.30431  ? 10  LEU A HB2  1 
ATOM   128 H  HB3  . LEU A 1 10 ? -6.86299  -0.47740 -2.66839 1.000 5.30431  ? 10  LEU A HB3  1 
ATOM   129 H  HG   . LEU A 1 10 ? -4.95375  -2.53861 -2.48050 1.000 5.52725  ? 10  LEU A HG   1 
ATOM   130 H  HD11 . LEU A 1 10 ? -6.16889  -3.41429 -0.67763 1.000 5.97873  ? 10  LEU A HD11 1 
ATOM   131 H  HD12 . LEU A 1 10 ? -5.59660  -1.97998 -0.30514 1.000 5.97873  ? 10  LEU A HD12 1 
ATOM   132 H  HD13 . LEU A 1 10 ? -7.12365  -2.14510 -0.71055 1.000 5.97873  ? 10  LEU A HD13 1 
ATOM   133 H  HD21 . LEU A 1 10 ? -6.76426  -3.95387 -2.92339 1.000 6.71625  ? 10  LEU A HD21 1 
ATOM   134 H  HD22 . LEU A 1 10 ? -7.66831  -2.66781 -3.15194 1.000 6.71625  ? 10  LEU A HD22 1 
ATOM   135 H  HD23 . LEU A 1 10 ? -6.45109  -2.96668 -4.12793 1.000 6.71625  ? 10  LEU A HD23 1 
HETATM 136 C  C11  A I77 A 1 11 ? -7.18957  5.58977  -7.13851 0.197 3.40447  ? 11  I77 A C11  1 
HETATM 137 C  C11  B I77 A 1 11 ? -5.16940  5.92806  -6.30127 0.803 6.63475  ? 11  I77 A C11  1 
HETATM 138 C  C12  A I77 A 1 11 ? -6.02114  5.15140  -6.53110 0.197 2.57442  ? 11  I77 A C12  1 
HETATM 139 C  C12  B I77 A 1 11 ? -6.10191  4.91271  -6.58840 0.803 5.32572  ? 11  I77 A C12  1 
HETATM 140 C  C13  A I77 A 1 11 ? -5.80068  3.66488  -6.44866 0.197 3.23758  ? 11  I77 A C13  1 
HETATM 141 C  C13  B I77 A 1 11 ? -5.83589  3.44468  -6.41220 0.803 3.75605  ? 11  I77 A C13  1 
HETATM 142 C  C17  A I77 A 1 11 ? -5.08089  6.06378  -6.01139 0.197 2.95672  ? 11  I77 A C17  1 
HETATM 143 C  C17  B I77 A 1 11 ? -7.34833  5.23370  -7.08882 0.803 7.31814  ? 11  I77 A C17  1 
HETATM 144 C  C18  A I77 A 1 11 ? -5.38009  7.43087  -6.15181 0.197 4.00573  ? 11  I77 A C18  1 
HETATM 145 C  C18  B I77 A 1 11 ? -7.67365  6.55502  -7.29331 0.803 7.00179  ? 11  I77 A C18  1 
HETATM 146 C  C02  A I77 A 1 11 ? -8.42912  13.12579 -7.80336 0.197 6.15599  ? 11  I77 A C02  1 
HETATM 147 C  C02  B I77 A 1 11 ? -8.60002  12.96453 -7.73792 0.803 8.00819  ? 11  I77 A C02  1 
HETATM 148 C  C03  A I77 A 1 11 ? -7.88681  11.70105 -7.47227 0.197 5.73325  ? 11  I77 A C03  1 
HETATM 149 C  C03  B I77 A 1 11 ? -8.08863  11.50641 -7.55492 0.803 6.71266  ? 11  I77 A C03  1 
HETATM 150 C  C04  A I77 A 1 11 ? -7.01270  11.52578 -6.40581 0.197 6.04043  ? 11  I77 A C04  1 
HETATM 151 C  C04  B I77 A 1 11 ? -8.53155  10.53701 -8.41599 0.803 6.18451  ? 11  I77 A C04  1 
HETATM 152 C  C05  A I77 A 1 11 ? -6.56158  10.21464 -6.15709 0.197 5.46664  ? 11  I77 A C05  1 
HETATM 153 C  C05  B I77 A 1 11 ? -8.04226  9.25692  -8.21785 0.803 5.64213  ? 11  I77 A C05  1 
HETATM 154 C  C06  A I77 A 1 11 ? -8.29819  10.58919 -8.27843 0.197 4.40531  ? 11  I77 A C06  1 
HETATM 155 C  C06  B I77 A 1 11 ? -7.16901  11.17419 -6.50437 0.803 7.00162  ? 11  I77 A C06  1 
HETATM 156 C  C08  A I77 A 1 11 ? -7.00448  9.18575  -6.98718 0.197 4.10958  ? 11  I77 A C08  1 
HETATM 157 C  C08  B I77 A 1 11 ? -7.15235  8.96063  -7.19901 0.803 6.17809  ? 11  I77 A C08  1 
HETATM 158 C  C09  A I77 A 1 11 ? -6.58868  7.79896  -6.78811 0.197 4.05638  ? 11  I77 A C09  1 
HETATM 159 C  C09  B I77 A 1 11 ? -6.72701  7.55595  -7.00649 0.803 6.95638  ? 11  I77 A C09  1 
HETATM 160 N  N01  A I77 A 1 11 ? -9.56956  13.28715 -8.67132 0.197 6.78118  ? 11  I77 A N01  1 
HETATM 161 N  N01  B I77 A 1 11 ? -9.62805  13.27476 -8.69493 0.803 10.36540 ? 11  I77 A N01  1 
HETATM 162 N  N07  A I77 A 1 11 ? -7.86168  9.39958  -8.01071 0.197 3.03097  ? 11  I77 A N07  1 
HETATM 163 N  N07  B I77 A 1 11 ? -6.74871  9.94314  -6.35770 0.803 7.10043  ? 11  I77 A N07  1 
HETATM 164 N  N10  A I77 A 1 11 ? -7.43829  6.90950  -7.25974 0.197 3.65992  ? 11  I77 A N10  1 
HETATM 165 N  N10  B I77 A 1 11 ? -5.53859  7.22228  -6.50961 0.803 7.19284  ? 11  I77 A N10  1 
HETATM 166 N  N14  A I77 A 1 11 ? -5.04574  3.15972  -5.30984 0.197 3.42627  ? 11  I77 A N14  1 
HETATM 167 N  N14  B I77 A 1 11 ? -5.04807  3.19332  -5.23745 0.803 5.48073  ? 11  I77 A N14  1 
HETATM 168 N  N15  A I77 A 1 11 ? -4.81162  1.78696  -5.21681 0.197 3.41395  ? 11  I77 A N15  1 
HETATM 169 N  N15  B I77 A 1 11 ? -4.70007  1.89507  -4.94360 0.803 5.53419  ? 11  I77 A N15  1 
HETATM 170 O  O16  A I77 A 1 11 ? -6.19326  2.94920  -7.25436 0.197 3.42119  ? 11  I77 A O16  1 
HETATM 171 O  O16  B I77 A 1 11 ? -6.23796  2.62392  -7.12018 0.803 4.64417  ? 11  I77 A O16  1 
HETATM 172 O  O19  A I77 A 1 11 ? -7.87821  14.09205 -7.30884 0.197 6.81631  ? 11  I77 A O19  1 
HETATM 173 O  O19  B I77 A 1 11 ? -8.15518  13.84524 -7.02913 0.803 9.30631  ? 11  I77 A O19  1 
HETATM 174 H  H111 A I77 A 1 11 ? -7.94273  4.83087  -7.53689 0.197 4.19169  ? 11  I77 A H111 1 
HETATM 175 H  H111 B I77 A 1 11 ? -4.13057  5.67324  -5.90404 0.803 8.06803  ? 11  I77 A H111 1 
HETATM 176 H  H171 A I77 A 1 11 ? -4.17227  5.72741  -5.52749 0.197 3.65439  ? 11  I77 A H171 1 
HETATM 177 H  H171 B I77 A 1 11 ? -8.06226  4.45221  -7.31782 0.803 8.88809  ? 11  I77 A H171 1 
HETATM 178 H  H181 A I77 A 1 11 ? -4.69827  8.18710  -5.77993 0.197 4.91320  ? 11  I77 A H181 1 
HETATM 179 H  H181 B I77 A 1 11 ? -8.65298  6.82309  -7.67294 0.803 8.50847  ? 11  I77 A H181 1 
HETATM 180 H  H041 A I77 A 1 11 ? -6.69112  12.36347 -5.79051 0.197 7.35484  ? 11  I77 A H041 1 
HETATM 181 H  H041 B I77 A 1 11 ? -9.23340  10.76171 -9.21641 0.803 7.52774  ? 11  I77 A H041 1 
HETATM 182 H  H051 A I77 A 1 11 ? -5.91791  10.02108 -5.37794 0.197 6.66629  ? 11  I77 A H051 1 
HETATM 183 H  H051 B I77 A 1 11 ? -8.34989  8.50337  -8.84743 0.803 6.87689  ? 11  I77 A H051 1 
HETATM 184 H  H061 A I77 A 1 11 ? -8.96921  10.74321 -9.10534 0.197 5.39270  ? 11  I77 A H061 1 
HETATM 185 H  H061 B I77 A 1 11 ? -6.82329  11.94136 -5.83377 0.803 8.50827  ? 11  I77 A H061 1 
HETATM 186 H  H011 A I77 A 1 11 ? -9.90802  14.22323 -8.87345 0.197 8.24374  ? 11  I77 A H011 1 
HETATM 187 H  H011 B I77 A 1 11 ? -9.93380  14.24016 -8.77215 0.803 12.54481 ? 11  I77 A H011 1 
HETATM 188 H  H012 A I77 A 1 11 ? -10.03700 12.48898 -9.08455 0.197 8.24374  ? 11  I77 A H012 1 
HETATM 189 H  H012 B I77 A 1 11 ? -10.04094 12.58083 -9.30405 0.803 12.54481 ? 11  I77 A H012 1 
HETATM 190 H  H141 A I77 A 1 11 ? -4.70390  3.77886  -4.61280 0.197 4.21785  ? 11  I77 A H141 1 
HETATM 191 H  H141 B I77 A 1 11 ? -4.76022  3.93984  -4.64930 0.803 6.68321  ? 11  I77 A H141 1 
HETATM 192 H  H1   A I77 A 1 11 ? -3.82851  1.61086  -5.26667 0.197 4.20306  ? 11  I77 A H1   1 
HETATM 193 H  H1   B I77 A 1 11 ? -3.75839  1.86862  -4.60812 0.803 6.74736  ? 11  I77 A H1   1 
HETATM 194 N  N    . NO3 B 2 .  ? 4.22361   3.17166  -1.51567 1.000 23.09894 ? 201 NO3 A N    1 
HETATM 195 O  O1   . NO3 B 2 .  ? 4.14827   2.12302  -2.22431 1.000 22.21689 ? 201 NO3 A O1   1 
HETATM 196 O  O2   . NO3 B 2 .  ? 3.39304   4.12472  -1.65479 1.000 24.57844 ? 201 NO3 A O2   1 
HETATM 197 O  O3   . NO3 B 2 .  ? 5.13502   3.28463  -0.64419 1.000 22.39477 ? 201 NO3 A O3   1 
HETATM 198 AG AG   . AG  C 3 .  ? 0.07349   2.38342  -6.70571 1.000 8.67781  ? 202 AG  A AG   1 
HETATM 199 AG AG   . AG  D 3 .  ? 0.66807   5.02466  -5.11213 1.000 21.92600 ? 203 AG  A AG   1 
HETATM 200 AG AG   . AG  E 3 .  ? 3.69721   3.59965  -4.69933 1.000 26.53567 ? 204 AG  A AG   1 
HETATM 201 AG AG   A AG  F 3 .  ? -9.03623  7.35691  -8.98932 0.722 11.26276 ? 205 AG  A AG   1 
HETATM 202 AG AG   B AG  F 3 .  ? -5.00638  9.01736  -5.15595 0.278 12.59804 ? 205 AG  A AG   1 
HETATM 203 O  O    . HOH G 4 .  ? 6.05865   0.61208  -0.28951 1.000 21.27259 ? 301 HOH A O    1 
HETATM 204 O  O    . HOH G 4 .  ? 12.17394  4.04449  4.57253  1.000 21.26812 ? 302 HOH A O    1 
HETATM 205 O  O    . HOH G 4 .  ? 1.68076   1.19743  -8.23723 1.000 7.85183  ? 303 HOH A O    1 
HETATM 206 O  O    . HOH G 4 .  ? 13.78461  5.20500  3.13802  0.50  27.33242 ? 304 HOH A O    1 
HETATM 207 O  O    . HOH G 4 .  ? 16.03074  8.81894  5.35071  1.000 24.79129 ? 305 HOH A O    1 
HETATM 208 O  O    . HOH G 4 .  ? 17.60214  4.93325  -0.96822 1.000 23.23319 ? 306 HOH A O    1 
HETATM 209 O  O    . HOH G 4 .  ? 17.47959  9.12014  7.89307  1.000 26.36617 ? 307 HOH A O    1 
HETATM 210 O  O    . HOH G 4 .  ? 19.17672  7.51757  8.15663  1.000 22.38314 ? 308 HOH A O    1 
# 
loop_
_atom_site_anisotrop.id 
_atom_site_anisotrop.type_symbol 
_atom_site_anisotrop.pdbx_label_atom_id 
_atom_site_anisotrop.pdbx_label_alt_id 
_atom_site_anisotrop.pdbx_label_comp_id 
_atom_site_anisotrop.pdbx_label_asym_id 
_atom_site_anisotrop.pdbx_label_seq_id 
_atom_site_anisotrop.pdbx_PDB_ins_code 
_atom_site_anisotrop.U[1][1] 
_atom_site_anisotrop.U[2][2] 
_atom_site_anisotrop.U[3][3] 
_atom_site_anisotrop.U[1][2] 
_atom_site_anisotrop.U[1][3] 
_atom_site_anisotrop.U[2][3] 
_atom_site_anisotrop.pdbx_auth_seq_id 
_atom_site_anisotrop.pdbx_auth_comp_id 
_atom_site_anisotrop.pdbx_auth_asym_id 
_atom_site_anisotrop.pdbx_auth_atom_id 
1   N  N   . NIO A 1  ? 0.07187 0.10179 0.06345 -0.01580 -0.03284 0.02688  1   NIO A N   
2   C  C1  . NIO A 1  ? 0.08832 0.10041 0.05111 -0.01136 -0.02946 0.02348  1   NIO A C1  
3   C  C2  . NIO A 1  ? 0.08386 0.08503 0.02925 0.00467  -0.01688 0.01044  1   NIO A C2  
4   C  C3  . NIO A 1  ? 0.07822 0.08723 0.07978 0.00902  -0.01785 0.02264  1   NIO A C3  
5   C  C4  . NIO A 1  ? 0.08469 0.09876 0.09144 -0.00962 -0.01803 0.02606  1   NIO A C4  
6   C  C5  . NIO A 1  ? 0.11475 0.10525 0.05294 -0.02821 -0.03092 0.02214  1   NIO A C5  
7   C  C6  . NIO A 1  ? 0.06975 0.07920 0.02980 0.00214  -0.02166 0.00510  1   NIO A C6  
8   O  O1  . NIO A 1  ? 0.05867 0.08834 0.03741 -0.00420 -0.02298 0.00502  1   NIO A O1  
13  N  N   . LEU A 2  ? 0.04866 0.07361 0.04112 0.00498  -0.02474 0.00628  2   LEU A N   
14  C  CA  . LEU A 2  ? 0.06418 0.07124 0.02485 0.00068  -0.01769 -0.00122 2   LEU A CA  
15  C  C   . LEU A 2  ? 0.05460 0.07096 0.03410 0.00440  -0.02329 -0.00275 2   LEU A C   
16  O  O   . LEU A 2  ? 0.04748 0.07126 0.03437 0.00421  -0.01969 -0.01058 2   LEU A O   
17  C  CB  . LEU A 2  ? 0.06040 0.07589 0.03540 0.00187  -0.02545 -0.00100 2   LEU A CB  
18  C  CG  . LEU A 2  ? 0.05842 0.07730 0.04311 -0.00011 -0.02890 -0.00489 2   LEU A CG  
19  C  CD1 . LEU A 2  ? 0.06812 0.08052 0.06928 -0.00611 -0.04059 0.00780  2   LEU A CD1 
20  C  CD2 . LEU A 2  ? 0.05551 0.07469 0.05924 0.00734  -0.01703 -0.00241 2   LEU A CD2 
31  N  N   . AIB A 3  ? 0.05588 0.06615 0.03615 0.01344  -0.02288 -0.00198 3   AIB A N   
32  C  CA  . AIB A 3  ? 0.07027 0.08202 0.03142 -0.00157 -0.02339 -0.00268 3   AIB A CA  
33  C  C   . AIB A 3  ? 0.05859 0.07274 0.03267 -0.00159 -0.02413 -0.00190 3   AIB A C   
34  O  O   . AIB A 3  ? 0.04111 0.07376 0.02845 0.01575  -0.01251 -0.00767 3   AIB A O   
35  C  CB1 . AIB A 3  ? 0.05056 0.07679 0.02656 0.00383  -0.01469 -0.00390 3   AIB A CB1 
36  C  CB2 . AIB A 3  ? 0.04534 0.07373 0.03719 0.01120  -0.01884 0.00611  3   AIB A CB2 
44  N  N   . ALA A 4  ? 0.06060 0.08376 0.04853 -0.00073 -0.03152 0.00488  4   ALA A N   
45  C  CA  . ALA A 4  ? 0.05590 0.08855 0.05009 -0.00089 -0.02921 0.00823  4   ALA A CA  
46  C  C   . ALA A 4  ? 0.05269 0.09529 0.04755 -0.00281 -0.02354 0.01423  4   ALA A C   
47  O  O   . ALA A 4  ? 0.05908 0.09435 0.04511 -0.00280 -0.02373 0.01618  4   ALA A O   
48  C  CB  . ALA A 4  ? 0.12416 0.09940 0.03902 -0.02709 -0.01484 -0.00220 4   ALA A CB  
54  N  N   . SER A 5  ? 0.04869 0.08830 0.04071 0.01136  -0.01883 0.00747  5   SER A N   
55  C  CA  . SER A 5  ? 0.07354 0.08408 0.02777 0.00526  -0.01735 -0.00164 5   SER A CA  
56  C  C   . SER A 5  ? 0.04849 0.07774 0.04251 0.02925  -0.01418 -0.00438 5   SER A C   
57  O  O   . SER A 5  ? 0.05602 0.08179 0.04009 0.01965  -0.02069 -0.00034 5   SER A O   
58  C  CB  . SER A 5  ? 0.07740 0.09531 0.03527 0.01685  -0.01782 0.00703  5   SER A CB  
59  O  OG  . SER A 5  ? 0.09511 0.09718 0.04155 0.01732  -0.02614 0.00415  5   SER A OG  
65  N  N   . LEU A 6  ? 0.05120 0.08314 0.03605 0.01737  -0.01816 -0.00476 6   LEU A N   
66  C  CA  . LEU A 6  ? 0.06806 0.08086 0.03050 0.00102  -0.02200 -0.00092 6   LEU A CA  
67  C  C   . LEU A 6  ? 0.06714 0.08901 0.03857 -0.00277 -0.02656 0.00249  6   LEU A C   
68  O  O   . LEU A 6  ? 0.07544 0.09023 0.03537 -0.00082 -0.02527 0.00421  6   LEU A O   
69  C  CB  . LEU A 6  ? 0.05760 0.07893 0.03564 0.01143  -0.01898 -0.00480 6   LEU A CB  
70  C  CG  . LEU A 6  ? 0.05619 0.07969 0.04121 0.01147  -0.02375 0.00695  6   LEU A CG  
71  C  CD1 . LEU A 6  ? 0.05012 0.08734 0.05141 0.00336  -0.02673 0.01014  6   LEU A CD1 
72  C  CD2 . LEU A 6  ? 0.06587 0.08008 0.04417 0.01136  -0.01756 0.00034  6   LEU A CD2 
84  N  N   . ALA A 7  ? 0.07415 0.09323 0.04688 0.00405  -0.03239 0.00846  7   ALA A N   
85  C  CA  . ALA A 7  ? 0.05995 0.09169 0.05357 0.01371  -0.02511 0.01642  7   ALA A CA  
86  C  C   . ALA A 7  ? 0.05575 0.08501 0.06068 0.00992  -0.03257 0.00885  7   ALA A C   
87  O  O   . ALA A 7  ? 0.05625 0.08969 0.05633 0.01144  -0.02933 0.01048  7   ALA A O   
88  C  CB  . ALA A 7  ? 0.10875 0.08530 0.06483 0.01968  -0.01229 0.01008  7   ALA A CB  
94  N  N   . CYS A 8  ? 0.05797 0.07722 0.04537 0.00654  -0.02870 0.00849  8   CYS A N   
95  C  CA  . CYS A 8  ? 0.05431 0.08659 0.05536 0.01555  -0.02489 0.01332  8   CYS A CA  
96  C  C   . CYS A 8  ? 0.05424 0.07826 0.02596 0.00525  -0.01371 0.00402  8   CYS A C   
97  O  O   . CYS A 8  ? 0.05413 0.07018 0.03640 0.00379  -0.02496 0.00653  8   CYS A O   
98  C  CB  . CYS A 8  ? 0.05984 0.09731 0.06706 0.00596  -0.02459 0.01228  8   CYS A CB  
99  S  SG  . CYS A 8  ? 0.09840 0.12179 0.06131 -0.02238 -0.02638 0.01967  8   CYS A SG  
104 N  N   . AIB A 9  ? 0.05786 0.06505 0.03238 0.00527  -0.02261 0.00917  9   AIB A N   
105 C  CA  . AIB A 9  ? 0.05281 0.07086 0.03854 0.00333  -0.02596 0.00710  9   AIB A CA  
106 C  C   . AIB A 9  ? 0.05259 0.06146 0.03703 0.01125  -0.02374 -0.00207 9   AIB A C   
107 O  O   . AIB A 9  ? 0.06224 0.07432 0.03940 -0.00216 -0.02723 0.00673  9   AIB A O   
108 C  CB1 . AIB A 9  ? 0.05345 0.07701 0.04291 0.00050  -0.02815 0.00211  9   AIB A CB1 
109 C  CB2 . AIB A 9  ? 0.04740 0.07472 0.04356 0.00209  -0.01510 0.00461  9   AIB A CB2 
117 N  N   . LEU A 10 ? 0.04400 0.07235 0.04740 0.00715  -0.02635 0.00517  10  LEU A N   
118 C  CA  . LEU A 10 ? 0.06365 0.07645 0.03253 0.00133  -0.02417 0.00246  10  LEU A CA  
119 C  C   . LEU A 10 ? 0.04989 0.07205 0.05129 0.00907  -0.02824 0.00733  10  LEU A C   
120 O  O   . LEU A 10 ? 0.06697 0.07637 0.05756 0.01198  -0.01676 0.00821  10  LEU A O   
121 C  CB  . LEU A 10 ? 0.06461 0.07210 0.02787 -0.00154 -0.01968 -0.00638 10  LEU A CB  
122 C  CG  . LEU A 10 ? 0.04739 0.08092 0.04333 0.01769  -0.01387 -0.00262 10  LEU A CG  
123 C  CD1 . LEU A 10 ? 0.04565 0.07580 0.06449 0.02123  -0.01872 0.01421  10  LEU A CD1 
124 C  CD2 . LEU A 10 ? 0.07518 0.06964 0.06448 0.02265  -0.00705 -0.01458 10  LEU A CD2 
136 C  C11 A I77 A 11 ? 0.03857 0.04633 0.04446 0.00082  -0.02215 0.01146  11  I77 A C11 
137 C  C11 B I77 A 11 ? 0.10400 0.08610 0.06200 -0.01184 -0.03166 0.01785  11  I77 A C11 
138 C  C12 A I77 A 11 ? 0.03439 0.04308 0.02035 0.00164  -0.01463 0.00259  11  I77 A C12 
139 C  C12 B I77 A 11 ? 0.08110 0.07831 0.04294 0.00160  -0.02782 0.01353  11  I77 A C12 
140 C  C13 A I77 A 11 ? 0.04498 0.05411 0.02393 0.00234  -0.01739 0.00384  11  I77 A C13 
141 C  C13 B I77 A 11 ? 0.04767 0.06337 0.03167 0.01591  -0.01608 0.00367  11  I77 A C13 
142 C  C17 A I77 A 11 ? 0.04254 0.04564 0.02416 0.00153  -0.01698 0.00507  11  I77 A C17 
143 C  C17 B I77 A 11 ? 0.11475 0.07277 0.09053 -0.00017 -0.02652 0.01758  11  I77 A C17 
144 C  C18 A I77 A 11 ? 0.06740 0.04765 0.03714 -0.00686 -0.02593 0.00940  11  I77 A C18 
145 C  C18 B I77 A 11 ? 0.08358 0.06293 0.11952 0.01508  -0.03919 0.02053  11  I77 A C18 
146 C  C02 A I77 A 11 ? 0.09003 0.04664 0.09724 -0.01399 -0.02716 0.01646  11  I77 A C02 
147 C  C02 B I77 A 11 ? 0.12325 0.09218 0.08885 -0.02645 0.00378  0.00627  11  I77 A C02 
148 C  C03 A I77 A 11 ? 0.09355 0.04398 0.08031 -0.01428 -0.03310 0.01288  11  I77 A C03 
149 C  C03 B I77 A 11 ? 0.07692 0.08816 0.08996 -0.01310 -0.01022 0.00746  11  I77 A C03 
150 C  C04 A I77 A 11 ? 0.08559 0.04293 0.10099 -0.01077 -0.03280 0.01723  11  I77 A C04 
151 C  C04 B I77 A 11 ? 0.06733 0.08777 0.07989 -0.00324 -0.00367 0.00928  11  I77 A C04 
152 C  C05 A I77 A 11 ? 0.06669 0.04271 0.09830 -0.00881 -0.03734 0.01484  11  I77 A C05 
153 C  C05 B I77 A 11 ? 0.06824 0.07771 0.06843 0.00585  -0.01947 0.00723  11  I77 A C05 
154 C  C06 A I77 A 11 ? 0.07671 0.04415 0.04652 -0.01224 -0.03287 0.00562  11  I77 A C06 
155 C  C06 B I77 A 11 ? 0.08439 0.08867 0.09297 -0.02044 -0.01183 0.00150  11  I77 A C06 
156 C  C08 A I77 A 11 ? 0.04195 0.04034 0.07385 0.00083  -0.02872 0.00997  11  I77 A C08 
157 C  C08 B I77 A 11 ? 0.08003 0.08407 0.07064 -0.00613 -0.02705 0.01282  11  I77 A C08 
158 C  C09 A I77 A 11 ? 0.05055 0.04409 0.05948 -0.00143 -0.02967 0.01359  11  I77 A C09 
159 C  C09 B I77 A 11 ? 0.10208 0.07891 0.08332 -0.00812 -0.03608 0.01631  11  I77 A C09 
160 N  N01 A I77 A 11 ? 0.10029 0.04972 0.10765 -0.01934 -0.03543 0.02080  11  I77 A N01 
161 N  N01 B I77 A 11 ? 0.15115 0.10598 0.13672 -0.04397 -0.01683 0.02589  11  I77 A N01 
162 N  N07 A I77 A 11 ? 0.03323 0.03738 0.04455 0.00451  -0.02164 0.00257  11  I77 A N07 
163 N  N07 B I77 A 11 ? 0.10985 0.09120 0.06874 -0.02372 -0.02933 0.00996  11  I77 A N07 
164 N  N10 A I77 A 11 ? 0.03053 0.04309 0.06544 0.00513  -0.01764 0.01281  11  I77 A N10 
165 N  N10 B I77 A 11 ? 0.11446 0.08304 0.07579 -0.01496 -0.03635 0.01443  11  I77 A N10 
166 N  N14 A I77 A 11 ? 0.04121 0.05540 0.03357 0.00674  -0.02006 0.00721  11  I77 A N14 
167 N  N14 B I77 A 11 ? 0.07303 0.07199 0.06322 0.00938  -0.03545 0.01281  11  I77 A N14 
168 N  N15 A I77 A 11 ? 0.03466 0.05397 0.04109 0.00847  -0.01954 0.00967  11  I77 A N15 
169 N  N15 B I77 A 11 ? 0.08335 0.07492 0.05200 -0.00053 -0.03665 0.00758  11  I77 A N15 
170 O  O16 A I77 A 11 ? 0.04841 0.05593 0.02566 0.00182  -0.01769 0.00690  11  I77 A O16 
171 O  O16 B I77 A 11 ? 0.05779 0.06425 0.05443 0.01559  -0.02614 0.01273  11  I77 A O16 
172 O  O19 A I77 A 11 ? 0.09774 0.04859 0.11266 -0.01522 -0.01838 0.01926  11  I77 A O19 
173 O  O19 B I77 A 11 ? 0.15615 0.08727 0.11019 -0.02747 0.01953  0.00360  11  I77 A O19 
194 N  N   . NO3 B .  ? 0.26977 0.22095 0.38695 -0.06328 -0.02082 -0.09213 201 NO3 A N   
195 O  O1  . NO3 B .  ? 0.28329 0.21574 0.34511 -0.06816 -0.01285 -0.11180 201 NO3 A O1  
196 O  O2  . NO3 B .  ? 0.27963 0.22980 0.42444 -0.07193 -0.04481 -0.07168 201 NO3 A O2  
197 O  O3  . NO3 B .  ? 0.25801 0.21509 0.37779 -0.05343 -0.00534 -0.09966 201 NO3 A O3  
198 AG AG  . AG  C .  ? 0.11779 0.12775 0.08419 -0.04693 -0.04831 0.03427  202 AG  A AG  
199 AG AG  . AG  D .  ? 0.41315 0.16895 0.25098 -0.00944 -0.03148 0.09560  203 AG  A AG  
200 AG AG  . AG  E .  ? 0.21055 0.56584 0.23184 -0.14189 -0.03945 0.07971  204 AG  A AG  
201 AG AG  A AG  F .  ? 0.15286 0.09130 0.18378 0.00222  -0.09885 0.00555  205 AG  A AG  
202 AG AG  B AG  F .  ? 0.21237 0.13648 0.12982 -0.06280 -0.06831 0.01849  205 AG  A AG  
203 O  O   . HOH G .  ? 0.28301 0.13742 0.38784 0.05112  -0.04690 -0.07551 301 HOH A O   
204 O  O   . HOH G .  ? 0.32770 0.27193 0.20847 -0.07663 -0.10151 -0.01894 302 HOH A O   
205 O  O   . HOH G .  ? 0.13446 0.11481 0.04906 0.03503  -0.02610 -0.00790 303 HOH A O   
206 O  O   . HOH G .  ? 0.36987 0.31851 0.35013 0.08416  -0.01593 -0.07312 304 HOH A O   
207 O  O   . HOH G .  ? 0.27761 0.35725 0.30710 0.01881  0.04739  0.08895  305 HOH A O   
208 O  O   . HOH G .  ? 0.45154 0.25384 0.17737 0.11301  0.02727  0.07324  306 HOH A O   
209 O  O   . HOH G .  ? 0.37584 0.24754 0.37841 0.06368  -0.03400 -0.01468 307 HOH A O   
210 O  O   . HOH G .  ? 0.15602 0.35085 0.34358 0.02160  0.00093  -0.04992 308 HOH A O   
# 
